data_7MNI
#
_entry.id   7MNI
#
_cell.length_a   59.748
_cell.length_b   72.085
_cell.length_c   73.042
_cell.angle_alpha   92.530
_cell.angle_beta   103.690
_cell.angle_gamma   100.390
#
_symmetry.space_group_name_H-M   'P 1'
#
loop_
_entity.id
_entity.type
_entity.pdbx_description
1 polymer 'Nuclear pore complex protein Nup88'
2 polymer 'Nuclear pore complex protein Nup98'
3 water water
#
loop_
_entity_poly.entity_id
_entity_poly.type
_entity_poly.pdbx_seq_one_letter_code
_entity_poly.pdbx_strand_id
1 'polypeptide(L)'
;SMAAAEGPVGDGELWQTWLPNHVVFLRLREGLKNQSPTEAEKPASSSLPSSPPPQLLTRNVVFGLGGELFLWDGEDSSFL
VVRLRGPSGGGEEPALSQYQRLLCINPPLFEIYQVLLSPTQHHVALIGIKGLMVLELPKRWGKNSEFEGGKSTVNCSTTP
VAERFFTSSTSLTLKHAAWYPSEILDPHVVLLTSDNVIRIYSLREPQTPTNVIILSEAEEESLVLNKGRAYTASLGETAV
AFDFGPLAAVPKTLFGQNGKDEVVAYPLYILYENGETFLTYISLLHSPGNIGKLLGPLPMHPAAEDNYGYDACAVLCLPC
VPNILVIATESGMLYHCVVLEGEEEDDHTSEKSWDSRIDLIPSLYVFECVELELALKLASGEDDPFDSDFSCPVKLHRDP
KCPSRYHCTHEAGVHSVGLTWIHKLHKFLGSDEEDKDSLQELSTEQKCFVEHILCTKPLPCRQPAPIRGFWIVPDILGPT
MICITSTYECLIWP
;
A,C
2 'polypeptide(L)'
;GPHMAGIILTKVGYYTIPSMDDLAKITNEKGECIVSDFTIGRKGYGSIYFEGDVNLTNLNLDDIVHIRRKEVVVYLDDNQ
KPPVGEGLNRKAEVTLDGVWPTDKTSRCLIKSPDRLADINYEGRLEAVSRKQGAQFKEYRPETGSWVFKVSHF
;
B,D
#
# COMPACT_ATOMS: atom_id res chain seq x y z
N LEU A 14 22.20 49.37 2.55
CA LEU A 14 21.45 48.64 3.57
C LEU A 14 21.06 47.26 3.05
N TRP A 15 21.28 46.24 3.88
CA TRP A 15 21.03 44.87 3.44
C TRP A 15 19.56 44.64 3.16
N GLN A 16 18.66 45.39 3.82
CA GLN A 16 17.23 45.27 3.52
C GLN A 16 16.95 45.48 2.03
N THR A 17 17.87 46.14 1.31
CA THR A 17 17.70 46.41 -0.11
C THR A 17 18.31 45.32 -0.98
N TRP A 18 19.57 44.94 -0.72
CA TRP A 18 20.29 44.07 -1.63
C TRP A 18 20.20 42.60 -1.28
N LEU A 19 19.77 42.25 -0.07
CA LEU A 19 19.75 40.83 0.30
C LEU A 19 18.87 39.99 -0.61
N PRO A 20 17.68 40.43 -1.03
CA PRO A 20 16.86 39.57 -1.91
C PRO A 20 17.54 39.22 -3.23
N ASN A 21 18.58 39.94 -3.63
CA ASN A 21 19.28 39.69 -4.88
C ASN A 21 20.57 38.91 -4.68
N HIS A 22 20.87 38.47 -3.46
CA HIS A 22 22.10 37.74 -3.21
C HIS A 22 22.08 36.38 -3.90
N VAL A 23 23.26 35.94 -4.35
CA VAL A 23 23.34 34.71 -5.13
C VAL A 23 22.95 33.47 -4.32
N VAL A 24 23.01 33.53 -2.98
CA VAL A 24 22.67 32.36 -2.18
C VAL A 24 21.24 31.91 -2.47
N PHE A 25 20.35 32.86 -2.77
CA PHE A 25 18.98 32.48 -3.08
C PHE A 25 18.85 31.87 -4.47
N LEU A 26 19.64 32.35 -5.43
CA LEU A 26 19.73 31.68 -6.71
C LEU A 26 20.25 30.25 -6.53
N ARG A 27 21.30 30.08 -5.73
CA ARG A 27 21.84 28.75 -5.46
C ARG A 27 20.77 27.85 -4.86
N LEU A 28 20.10 28.32 -3.81
CA LEU A 28 19.05 27.52 -3.16
C LEU A 28 17.88 27.28 -4.12
N ARG A 29 17.52 28.29 -4.91
CA ARG A 29 16.41 28.15 -5.84
C ARG A 29 16.72 27.09 -6.89
N GLU A 30 17.92 27.13 -7.45
CA GLU A 30 18.33 26.12 -8.41
C GLU A 30 18.46 24.75 -7.78
N GLY A 31 18.57 24.67 -6.45
CA GLY A 31 18.57 23.39 -5.77
C GLY A 31 17.20 22.75 -5.68
N LEU A 32 16.13 23.52 -5.88
CA LEU A 32 14.79 22.95 -5.88
C LEU A 32 14.56 22.09 -7.13
N LYS A 33 14.90 22.63 -8.30
CA LYS A 33 14.66 21.90 -9.54
C LYS A 33 15.37 20.55 -9.55
N ASN A 34 16.55 20.47 -8.91
CA ASN A 34 17.28 19.21 -8.82
C ASN A 34 16.60 18.27 -7.84
N LEU A 56 4.52 15.80 8.99
CA LEU A 56 5.62 16.64 8.55
C LEU A 56 5.87 17.78 9.53
N LEU A 57 7.14 18.16 9.66
CA LEU A 57 7.51 19.33 10.46
C LEU A 57 7.41 20.59 9.61
N THR A 58 7.11 21.70 10.27
CA THR A 58 7.16 22.99 9.59
C THR A 58 8.61 23.39 9.34
N ARG A 59 8.87 23.96 8.18
CA ARG A 59 10.23 24.25 7.76
C ARG A 59 10.68 25.63 8.22
N ASN A 60 11.93 25.70 8.69
CA ASN A 60 12.62 26.97 8.90
C ASN A 60 14.10 26.71 8.67
N VAL A 61 14.59 27.12 7.51
CA VAL A 61 15.95 26.80 7.08
C VAL A 61 16.92 27.96 7.34
N VAL A 62 16.53 28.93 8.16
CA VAL A 62 17.33 30.14 8.35
CA VAL A 62 17.33 30.14 8.35
C VAL A 62 17.40 30.51 9.82
N PHE A 63 18.55 31.06 10.22
CA PHE A 63 18.71 31.68 11.52
C PHE A 63 19.75 32.78 11.37
N GLY A 64 19.73 33.73 12.30
CA GLY A 64 20.64 34.86 12.26
C GLY A 64 21.50 34.88 13.50
N LEU A 65 22.71 35.41 13.36
CA LEU A 65 23.64 35.49 14.47
C LEU A 65 24.62 36.63 14.21
N GLY A 66 24.65 37.60 15.12
N GLY A 66 24.60 37.66 15.07
CA GLY A 66 25.46 38.79 14.91
CA GLY A 66 25.51 38.77 14.98
C GLY A 66 24.91 39.56 13.73
C GLY A 66 25.86 39.26 13.58
N GLY A 67 25.79 39.86 12.77
N GLY A 67 24.90 39.87 12.89
CA GLY A 67 25.37 40.48 11.54
CA GLY A 67 25.15 40.47 11.60
C GLY A 67 25.38 39.49 10.39
C GLY A 67 25.26 39.51 10.43
N GLU A 68 25.18 38.21 10.68
CA GLU A 68 25.26 37.18 9.66
C GLU A 68 23.93 36.42 9.56
N LEU A 69 23.61 36.00 8.35
CA LEU A 69 22.43 35.19 8.07
C LEU A 69 22.91 33.81 7.61
N PHE A 70 22.33 32.77 8.19
CA PHE A 70 22.69 31.39 7.90
C PHE A 70 21.54 30.71 7.19
N LEU A 71 21.82 30.09 6.05
CA LEU A 71 20.80 29.45 5.23
C LEU A 71 21.21 28.01 5.00
N TRP A 72 20.36 27.07 5.42
CA TRP A 72 20.65 25.64 5.25
C TRP A 72 20.42 25.25 3.80
N ASP A 73 21.45 24.68 3.18
CA ASP A 73 21.39 24.18 1.81
C ASP A 73 21.24 22.66 1.90
N GLY A 74 20.00 22.18 1.71
CA GLY A 74 19.74 20.77 1.90
C GLY A 74 20.50 19.89 0.91
N GLU A 75 20.66 20.36 -0.32
CA GLU A 75 21.29 19.54 -1.36
C GLU A 75 22.76 19.29 -1.08
N ASP A 76 23.45 20.23 -0.42
CA ASP A 76 24.85 20.10 -0.10
C ASP A 76 25.11 19.86 1.38
N SER A 77 24.06 19.79 2.20
CA SER A 77 24.20 19.55 3.64
C SER A 77 25.22 20.50 4.25
N SER A 78 24.99 21.80 4.06
CA SER A 78 25.87 22.82 4.59
C SER A 78 25.10 24.12 4.73
N PHE A 79 25.70 25.06 5.46
CA PHE A 79 25.14 26.38 5.66
C PHE A 79 25.79 27.38 4.71
N LEU A 80 24.98 28.26 4.14
CA LEU A 80 25.46 29.41 3.39
C LEU A 80 25.35 30.64 4.31
N VAL A 81 26.47 31.31 4.54
CA VAL A 81 26.55 32.40 5.51
C VAL A 81 26.75 33.70 4.74
N VAL A 82 25.80 34.62 4.91
CA VAL A 82 25.83 35.94 4.28
C VAL A 82 26.03 36.98 5.38
N ARG A 83 26.99 37.88 5.18
CA ARG A 83 27.25 38.94 6.14
C ARG A 83 26.36 40.13 5.82
N LEU A 84 25.49 40.50 6.76
CA LEU A 84 24.54 41.59 6.54
C LEU A 84 25.11 42.96 6.89
N ARG A 85 25.99 43.04 7.88
CA ARG A 85 26.53 44.31 8.35
C ARG A 85 28.04 44.38 8.08
N GLY A 86 28.60 45.54 8.35
CA GLY A 86 30.02 45.78 8.16
C GLY A 86 30.48 45.58 6.73
N ALA A 95 28.54 42.53 -0.77
CA ALA A 95 28.58 42.07 -2.16
C ALA A 95 27.58 40.93 -2.38
N LEU A 96 27.06 40.85 -3.61
CA LEU A 96 26.01 39.88 -3.92
C LEU A 96 26.53 38.47 -4.16
N SER A 97 27.84 38.31 -4.36
CA SER A 97 28.42 36.99 -4.62
C SER A 97 29.14 36.40 -3.42
N GLN A 98 29.31 37.17 -2.34
CA GLN A 98 30.17 36.75 -1.23
C GLN A 98 29.34 36.00 -0.19
N TYR A 99 29.86 34.85 0.23
CA TYR A 99 29.26 34.04 1.27
C TYR A 99 30.28 32.99 1.69
N GLN A 100 30.12 32.47 2.90
CA GLN A 100 30.90 31.35 3.38
C GLN A 100 30.03 30.11 3.40
N ARG A 101 30.63 28.97 3.09
CA ARG A 101 29.96 27.68 3.17
C ARG A 101 30.50 26.93 4.38
N LEU A 102 29.62 26.62 5.33
CA LEU A 102 29.98 25.84 6.52
C LEU A 102 29.56 24.39 6.27
N LEU A 103 30.55 23.53 6.03
CA LEU A 103 30.29 22.14 5.70
C LEU A 103 30.17 21.27 6.95
N CYS A 104 29.27 20.29 6.89
CA CYS A 104 29.20 19.24 7.90
C CYS A 104 30.29 18.22 7.62
N ILE A 105 31.21 18.04 8.57
CA ILE A 105 32.21 16.98 8.43
C ILE A 105 31.52 15.64 8.27
N ASN A 106 30.47 15.41 9.05
CA ASN A 106 29.63 14.22 8.93
C ASN A 106 28.20 14.69 8.69
N PRO A 107 27.69 14.60 7.46
CA PRO A 107 26.41 15.22 7.15
C PRO A 107 25.24 14.37 7.62
N PRO A 108 24.09 14.98 7.85
CA PRO A 108 22.88 14.19 8.11
C PRO A 108 22.34 13.59 6.81
N LEU A 109 21.84 12.37 6.92
CA LEU A 109 21.24 11.69 5.78
C LEU A 109 19.73 11.84 5.73
N PHE A 110 19.12 12.21 6.86
CA PHE A 110 17.71 12.55 6.90
C PHE A 110 17.53 14.02 6.54
N GLU A 111 16.36 14.35 6.01
CA GLU A 111 16.11 15.73 5.60
C GLU A 111 16.00 16.65 6.81
N ILE A 112 16.64 17.81 6.71
CA ILE A 112 16.61 18.82 7.77
C ILE A 112 15.43 19.75 7.51
N TYR A 113 14.48 19.77 8.44
CA TYR A 113 13.32 20.64 8.31
C TYR A 113 13.51 21.97 9.02
N GLN A 114 14.19 21.97 10.18
CA GLN A 114 14.34 23.17 10.99
C GLN A 114 15.77 23.26 11.50
N VAL A 115 16.26 24.49 11.62
CA VAL A 115 17.55 24.78 12.23
C VAL A 115 17.31 25.71 13.41
N LEU A 116 18.07 25.51 14.49
CA LEU A 116 17.79 26.18 15.76
C LEU A 116 19.09 26.47 16.48
N LEU A 117 19.45 27.74 16.59
CA LEU A 117 20.65 28.16 17.30
C LEU A 117 20.49 27.95 18.80
N SER A 118 21.57 27.52 19.45
CA SER A 118 21.55 27.26 20.87
C SER A 118 21.53 28.56 21.68
N PRO A 119 21.16 28.49 22.96
CA PRO A 119 21.17 29.71 23.79
C PRO A 119 22.53 30.37 23.89
N THR A 120 23.60 29.59 23.99
CA THR A 120 24.95 30.16 24.05
C THR A 120 25.49 30.50 22.66
N GLN A 121 24.79 30.08 21.60
CA GLN A 121 25.08 30.48 20.22
C GLN A 121 26.36 29.84 19.68
N HIS A 122 26.80 28.72 20.26
CA HIS A 122 27.95 27.99 19.74
C HIS A 122 27.55 26.73 18.98
N HIS A 123 26.27 26.35 19.00
CA HIS A 123 25.82 25.13 18.34
C HIS A 123 24.50 25.40 17.65
N VAL A 124 24.24 24.62 16.61
CA VAL A 124 22.99 24.70 15.84
C VAL A 124 22.38 23.30 15.80
N ALA A 125 21.10 23.21 16.15
CA ALA A 125 20.38 21.94 16.05
C ALA A 125 19.84 21.81 14.64
N LEU A 126 20.12 20.67 14.01
CA LEU A 126 19.63 20.34 12.68
C LEU A 126 18.51 19.32 12.89
N ILE A 127 17.27 19.78 12.74
CA ILE A 127 16.08 19.06 13.21
C ILE A 127 15.35 18.49 12.01
N GLY A 128 15.17 17.16 12.02
CA GLY A 128 14.38 16.49 11.01
C GLY A 128 13.32 15.62 11.63
N ILE A 129 12.52 14.99 10.76
CA ILE A 129 11.53 14.04 11.21
C ILE A 129 12.20 12.76 11.69
N LYS A 130 13.33 12.38 11.09
CA LYS A 130 13.97 11.10 11.34
C LYS A 130 15.27 11.24 12.11
N GLY A 131 15.51 12.39 12.71
CA GLY A 131 16.70 12.53 13.54
C GLY A 131 16.95 13.96 13.94
N LEU A 132 17.98 14.12 14.76
CA LEU A 132 18.45 15.42 15.18
C LEU A 132 19.97 15.37 15.23
N MET A 133 20.61 16.36 14.65
CA MET A 133 22.06 16.47 14.62
C MET A 133 22.44 17.86 15.09
N VAL A 134 23.50 17.95 15.88
CA VAL A 134 23.98 19.22 16.42
C VAL A 134 25.29 19.58 15.74
N LEU A 135 25.35 20.78 15.18
CA LEU A 135 26.54 21.29 14.52
C LEU A 135 27.22 22.31 15.42
N GLU A 136 28.53 22.18 15.58
CA GLU A 136 29.33 23.14 16.34
C GLU A 136 29.85 24.20 15.38
N LEU A 137 29.55 25.46 15.67
CA LEU A 137 30.01 26.53 14.81
C LEU A 137 31.53 26.70 14.95
N PRO A 138 32.23 27.03 13.88
CA PRO A 138 33.68 27.27 13.97
C PRO A 138 33.94 28.64 14.60
N LYS A 139 35.22 28.89 14.88
CA LYS A 139 35.63 30.13 15.51
C LYS A 139 35.87 31.21 14.46
N ARG A 140 35.79 32.46 14.90
CA ARG A 140 35.95 33.61 14.04
CA ARG A 140 35.94 33.63 14.05
C ARG A 140 37.26 34.33 14.36
N TRP A 141 37.83 34.95 13.33
CA TRP A 141 38.99 35.81 13.52
C TRP A 141 39.22 36.58 12.21
N GLY A 142 39.98 37.65 12.31
CA GLY A 142 40.11 38.61 11.24
C GLY A 142 39.29 39.86 11.50
N LYS A 143 39.70 40.96 10.86
CA LYS A 143 39.05 42.24 11.13
C LYS A 143 37.56 42.20 10.84
N ASN A 144 37.13 41.37 9.89
CA ASN A 144 35.73 41.23 9.57
C ASN A 144 35.04 40.15 10.38
N SER A 145 35.73 39.53 11.33
CA SER A 145 35.16 38.48 12.18
C SER A 145 34.51 37.39 11.33
N GLU A 146 35.17 37.02 10.24
CA GLU A 146 34.73 35.90 9.44
C GLU A 146 35.15 34.59 10.11
N PHE A 147 34.45 33.51 9.78
CA PHE A 147 34.82 32.21 10.31
C PHE A 147 36.18 31.79 9.76
N GLU A 148 37.08 31.45 10.68
CA GLU A 148 38.42 30.98 10.35
C GLU A 148 39.11 31.88 9.33
N GLY A 149 39.00 33.19 9.53
CA GLY A 149 39.75 34.14 8.74
C GLY A 149 39.22 34.37 7.34
N GLY A 150 37.98 34.00 7.06
CA GLY A 150 37.38 34.28 5.77
C GLY A 150 37.59 33.25 4.70
N LYS A 151 37.93 32.01 5.06
CA LYS A 151 38.03 30.95 4.06
C LYS A 151 36.67 30.74 3.40
N SER A 152 36.69 30.39 2.11
CA SER A 152 35.44 30.18 1.39
C SER A 152 34.65 29.02 1.97
N THR A 153 35.33 28.04 2.56
CA THR A 153 34.70 26.83 3.05
C THR A 153 35.31 26.47 4.40
N VAL A 154 34.44 26.15 5.37
CA VAL A 154 34.87 25.80 6.72
C VAL A 154 34.18 24.51 7.14
N ASN A 155 34.97 23.55 7.62
CA ASN A 155 34.42 22.30 8.12
C ASN A 155 33.93 22.47 9.55
N CYS A 156 32.75 21.90 9.83
CA CYS A 156 32.13 21.98 11.15
C CYS A 156 31.90 20.58 11.69
N SER A 157 32.23 20.40 12.97
CA SER A 157 31.98 19.13 13.63
C SER A 157 30.50 18.98 13.92
N THR A 158 29.99 17.76 13.76
CA THR A 158 28.61 17.44 14.03
C THR A 158 28.54 16.20 14.90
N THR A 159 27.42 16.06 15.61
CA THR A 159 27.19 14.89 16.45
CA THR A 159 27.19 14.89 16.46
C THR A 159 25.70 14.55 16.36
N PRO A 160 25.36 13.30 16.02
CA PRO A 160 23.95 12.92 16.04
C PRO A 160 23.46 12.76 17.48
N VAL A 161 22.16 12.94 17.66
CA VAL A 161 21.54 12.87 18.98
C VAL A 161 20.46 11.79 18.96
N ALA A 162 20.41 11.01 20.04
CA ALA A 162 19.38 9.99 20.21
C ALA A 162 19.33 9.06 18.99
N GLU A 163 20.50 8.80 18.41
CA GLU A 163 20.56 8.03 17.17
C GLU A 163 19.92 6.66 17.33
N ARG A 164 20.02 6.06 18.51
CA ARG A 164 19.45 4.74 18.74
C ARG A 164 17.94 4.75 18.48
N PHE A 165 17.24 5.76 19.01
CA PHE A 165 15.78 5.74 18.99
C PHE A 165 15.22 5.83 17.57
N PHE A 166 15.96 6.45 16.65
CA PHE A 166 15.45 6.64 15.30
C PHE A 166 15.74 5.47 14.37
N THR A 167 16.75 4.66 14.68
CA THR A 167 17.06 3.47 13.90
C THR A 167 16.42 2.20 14.48
N SER A 168 16.44 2.05 15.80
CA SER A 168 15.85 0.87 16.42
C SER A 168 14.37 0.77 16.11
N SER A 169 13.60 1.80 16.47
CA SER A 169 12.18 1.87 16.16
C SER A 169 12.03 2.65 14.85
N THR A 170 11.87 1.93 13.74
CA THR A 170 11.86 2.57 12.43
C THR A 170 10.79 3.65 12.34
N SER A 171 9.61 3.38 12.90
CA SER A 171 8.48 4.30 12.78
C SER A 171 8.49 5.41 13.81
N LEU A 172 9.54 5.52 14.62
CA LEU A 172 9.63 6.58 15.61
C LEU A 172 10.09 7.87 14.94
N THR A 173 9.33 8.95 15.15
CA THR A 173 9.60 10.23 14.50
C THR A 173 9.74 11.32 15.55
N LEU A 174 10.36 12.42 15.14
CA LEU A 174 10.52 13.59 15.99
C LEU A 174 9.38 14.55 15.74
N LYS A 175 8.70 14.95 16.81
CA LYS A 175 7.56 15.86 16.72
C LYS A 175 7.93 17.30 17.01
N HIS A 176 8.87 17.52 17.91
CA HIS A 176 9.28 18.87 18.30
C HIS A 176 10.61 18.78 19.01
N ALA A 177 11.42 19.82 18.86
CA ALA A 177 12.72 19.88 19.52
C ALA A 177 13.05 21.33 19.83
N ALA A 178 13.77 21.52 20.93
CA ALA A 178 14.22 22.84 21.35
C ALA A 178 15.42 22.66 22.27
N TRP A 179 16.07 23.77 22.58
CA TRP A 179 17.16 23.78 23.53
C TRP A 179 16.65 24.02 24.93
N TYR A 180 17.30 23.41 25.91
CA TYR A 180 17.12 23.85 27.29
C TYR A 180 17.58 25.31 27.38
N PRO A 181 16.77 26.20 27.97
CA PRO A 181 17.00 27.65 27.75
C PRO A 181 18.27 28.20 28.40
N SER A 182 18.95 27.44 29.26
CA SER A 182 20.05 28.02 30.03
C SER A 182 21.16 28.53 29.11
N GLU A 183 21.71 29.69 29.47
CA GLU A 183 22.87 30.26 28.80
C GLU A 183 24.15 29.99 29.58
N ILE A 184 24.09 29.21 30.65
CA ILE A 184 25.22 28.97 31.54
C ILE A 184 25.66 27.51 31.53
N LEU A 185 24.71 26.59 31.52
CA LEU A 185 25.04 25.17 31.57
C LEU A 185 25.49 24.68 30.19
N ASP A 186 26.04 23.46 30.18
CA ASP A 186 26.38 22.79 28.93
C ASP A 186 25.12 22.73 28.06
N PRO A 187 25.24 22.82 26.74
CA PRO A 187 24.03 22.75 25.90
C PRO A 187 23.29 21.44 26.08
N HIS A 188 21.97 21.54 26.22
CA HIS A 188 21.09 20.40 26.29
C HIS A 188 19.96 20.57 25.27
N VAL A 189 19.68 19.52 24.51
CA VAL A 189 18.56 19.54 23.57
C VAL A 189 17.41 18.72 24.16
N VAL A 190 16.20 19.13 23.83
CA VAL A 190 14.97 18.53 24.35
C VAL A 190 14.18 18.02 23.15
N LEU A 191 13.88 16.72 23.14
CA LEU A 191 13.25 16.06 22.01
C LEU A 191 11.92 15.44 22.42
N LEU A 192 10.87 15.77 21.68
CA LEU A 192 9.58 15.12 21.80
C LEU A 192 9.40 14.19 20.62
N THR A 193 9.27 12.89 20.89
CA THR A 193 9.14 11.89 19.84
C THR A 193 7.72 11.34 19.80
N SER A 194 7.44 10.60 18.73
CA SER A 194 6.08 10.12 18.48
C SER A 194 5.61 9.10 19.49
N ASP A 195 6.49 8.59 20.35
CA ASP A 195 6.08 7.71 21.45
C ASP A 195 5.50 8.48 22.63
N ASN A 196 5.25 9.77 22.48
CA ASN A 196 4.68 10.60 23.54
C ASN A 196 5.61 10.63 24.76
N VAL A 197 6.91 10.77 24.49
CA VAL A 197 7.93 10.86 25.51
C VAL A 197 8.85 12.03 25.17
N ILE A 198 9.25 12.78 26.19
CA ILE A 198 10.21 13.86 26.04
C ILE A 198 11.51 13.41 26.70
N ARG A 199 12.62 13.58 26.00
CA ARG A 199 13.94 13.19 26.48
C ARG A 199 14.88 14.37 26.33
N ILE A 200 15.77 14.54 27.31
CA ILE A 200 16.74 15.62 27.33
C ILE A 200 18.13 15.01 27.22
N TYR A 201 18.96 15.59 26.35
CA TYR A 201 20.29 15.07 26.10
C TYR A 201 21.31 16.18 26.28
N SER A 202 22.40 15.87 26.99
CA SER A 202 23.58 16.71 26.98
C SER A 202 24.44 16.38 25.76
N LEU A 203 25.04 17.41 25.16
CA LEU A 203 25.97 17.18 24.07
C LEU A 203 27.17 16.35 24.52
N ARG A 204 27.43 16.29 25.83
CA ARG A 204 28.53 15.47 26.32
C ARG A 204 28.20 13.98 26.24
N GLU A 205 26.91 13.63 26.29
CA GLU A 205 26.45 12.25 26.16
C GLU A 205 25.23 12.23 25.25
N PRO A 206 25.43 12.46 23.94
CA PRO A 206 24.27 12.67 23.06
C PRO A 206 23.42 11.43 22.82
N GLN A 207 23.82 10.26 23.31
CA GLN A 207 23.05 9.03 23.12
C GLN A 207 22.29 8.59 24.37
N THR A 208 22.48 9.26 25.51
CA THR A 208 21.89 8.82 26.77
C THR A 208 21.14 9.98 27.40
N PRO A 209 19.81 9.90 27.54
CA PRO A 209 19.07 11.04 28.10
C PRO A 209 19.50 11.34 29.53
N THR A 210 19.60 12.63 29.83
CA THR A 210 19.77 13.04 31.22
C THR A 210 18.45 13.00 31.97
N ASN A 211 17.34 13.22 31.27
CA ASN A 211 16.01 13.23 31.89
C ASN A 211 15.01 12.72 30.88
N VAL A 212 14.01 12.00 31.38
CA VAL A 212 12.93 11.46 30.57
C VAL A 212 11.60 11.89 31.18
N ILE A 213 10.64 12.23 30.34
CA ILE A 213 9.30 12.60 30.77
C ILE A 213 8.33 11.72 30.00
N ILE A 214 7.82 10.69 30.66
CA ILE A 214 6.79 9.83 30.07
C ILE A 214 5.45 10.53 30.24
N LEU A 215 4.84 10.94 29.14
CA LEU A 215 3.57 11.65 29.17
C LEU A 215 2.37 10.71 29.20
N SER A 216 2.57 9.43 28.90
CA SER A 216 1.49 8.45 28.87
C SER A 216 0.51 8.77 27.74
N GLY A 228 0.98 2.45 17.68
CA GLY A 228 0.24 2.65 16.45
C GLY A 228 -0.33 1.36 15.88
N ARG A 229 0.01 0.24 16.50
CA ARG A 229 -0.51 -1.05 16.07
C ARG A 229 -2.02 -1.18 16.28
N ALA A 230 -2.60 -0.34 17.12
CA ALA A 230 -3.98 -0.46 17.54
C ALA A 230 -4.87 0.55 16.81
N TYR A 231 -6.15 0.19 16.70
CA TYR A 231 -7.20 1.17 16.38
C TYR A 231 -7.64 1.82 17.68
N THR A 232 -7.63 3.15 17.71
CA THR A 232 -7.86 3.88 18.95
C THR A 232 -8.76 5.09 18.70
N ALA A 233 -9.58 5.41 19.70
CA ALA A 233 -10.39 6.62 19.67
C ALA A 233 -9.66 7.79 20.31
N SER A 234 -8.70 7.54 21.19
CA SER A 234 -7.91 8.58 21.83
C SER A 234 -6.67 8.91 21.01
N LEU A 235 -6.87 9.16 19.71
CA LEU A 235 -5.74 9.44 18.83
C LEU A 235 -5.09 10.79 19.14
N GLY A 236 -5.83 11.72 19.76
CA GLY A 236 -5.30 13.02 20.12
C GLY A 236 -4.67 13.12 21.48
N GLU A 237 -4.62 12.04 22.25
CA GLU A 237 -3.98 12.03 23.56
C GLU A 237 -2.49 11.80 23.43
N THR A 238 -1.84 12.64 22.62
CA THR A 238 -0.43 12.53 22.34
C THR A 238 0.13 13.92 22.09
N ALA A 239 1.34 14.17 22.57
CA ALA A 239 1.93 15.49 22.52
C ALA A 239 2.41 15.83 21.10
N VAL A 240 2.11 17.04 20.67
CA VAL A 240 2.55 17.52 19.36
C VAL A 240 3.58 18.65 19.46
N ALA A 241 3.69 19.31 20.61
CA ALA A 241 4.61 20.43 20.73
C ALA A 241 4.79 20.76 22.20
N PHE A 242 5.82 21.55 22.48
CA PHE A 242 6.09 22.05 23.82
C PHE A 242 6.83 23.38 23.68
N ASP A 243 6.90 24.11 24.79
CA ASP A 243 7.64 25.38 24.80
C ASP A 243 8.02 25.68 26.24
N PHE A 244 9.23 26.21 26.42
CA PHE A 244 9.69 26.64 27.73
C PHE A 244 9.23 28.05 28.01
N GLY A 245 8.89 28.31 29.26
CA GLY A 245 8.62 29.65 29.72
C GLY A 245 9.89 30.29 30.23
N PRO A 246 9.78 31.52 30.74
CA PRO A 246 10.97 32.24 31.19
C PRO A 246 11.53 31.69 32.50
N LEU A 247 12.78 32.05 32.76
CA LEU A 247 13.45 31.70 34.00
C LEU A 247 12.58 32.02 35.21
N ALA A 248 12.60 31.13 36.19
CA ALA A 248 11.87 31.32 37.44
C ALA A 248 12.68 30.76 38.60
N ALA A 249 12.54 31.40 39.75
CA ALA A 249 13.08 30.87 40.99
C ALA A 249 11.99 30.06 41.68
N VAL A 250 12.30 28.81 42.04
CA VAL A 250 11.33 27.90 42.62
C VAL A 250 11.94 27.31 43.89
N PRO A 251 11.14 26.95 44.89
CA PRO A 251 11.71 26.30 46.08
C PRO A 251 12.33 24.97 45.71
N LYS A 252 13.46 24.67 46.35
CA LYS A 252 14.12 23.39 46.13
C LYS A 252 13.23 22.22 46.50
N THR A 253 12.24 22.44 47.38
CA THR A 253 11.31 21.39 47.75
C THR A 253 10.48 20.91 46.57
N LEU A 254 10.37 21.71 45.52
CA LEU A 254 9.59 21.30 44.35
C LEU A 254 10.16 20.03 43.72
N PHE A 255 11.46 19.79 43.89
CA PHE A 255 12.12 18.63 43.30
C PHE A 255 12.43 17.54 44.32
N GLY A 256 11.86 17.61 45.52
CA GLY A 256 12.02 16.59 46.52
C GLY A 256 13.18 16.81 47.49
N GLN A 257 14.04 17.77 47.22
CA GLN A 257 15.15 18.08 48.11
C GLN A 257 14.73 19.19 49.07
N ASN A 258 15.64 19.64 49.93
CA ASN A 258 15.26 20.43 51.10
C ASN A 258 16.22 21.60 51.30
N GLY A 259 15.96 22.36 52.37
CA GLY A 259 16.75 23.51 52.74
C GLY A 259 16.02 24.83 52.69
N LYS A 260 14.78 24.86 52.20
CA LYS A 260 14.07 26.10 51.90
C LYS A 260 15.01 27.10 51.22
N ASP A 261 15.49 26.69 50.05
CA ASP A 261 16.36 27.51 49.22
C ASP A 261 15.79 27.54 47.81
N GLU A 262 16.05 28.65 47.10
CA GLU A 262 15.47 28.88 45.78
C GLU A 262 16.48 28.53 44.70
N VAL A 263 16.02 27.81 43.67
CA VAL A 263 16.87 27.33 42.61
C VAL A 263 16.30 27.77 41.26
N VAL A 264 17.14 27.69 40.24
CA VAL A 264 16.74 28.04 38.89
C VAL A 264 15.94 26.90 38.28
N ALA A 265 14.82 27.24 37.64
CA ALA A 265 14.03 26.26 36.92
C ALA A 265 13.31 26.96 35.78
N TYR A 266 12.88 26.17 34.80
CA TYR A 266 12.17 26.68 33.64
C TYR A 266 10.85 25.92 33.49
N PRO A 267 9.72 26.61 33.37
CA PRO A 267 8.45 25.91 33.17
C PRO A 267 8.39 25.34 31.75
N LEU A 268 7.96 24.09 31.64
CA LEU A 268 7.85 23.40 30.37
C LEU A 268 6.38 23.11 30.12
N TYR A 269 5.81 23.77 29.11
CA TYR A 269 4.41 23.59 28.73
C TYR A 269 4.33 22.62 27.57
N ILE A 270 3.41 21.65 27.67
CA ILE A 270 3.31 20.55 26.72
C ILE A 270 1.90 20.52 26.17
N LEU A 271 1.79 20.46 24.84
CA LEU A 271 0.51 20.55 24.14
C LEU A 271 0.17 19.22 23.49
N TYR A 272 -1.03 18.71 23.80
CA TYR A 272 -1.55 17.53 23.14
C TYR A 272 -2.28 17.92 21.86
N GLU A 273 -2.43 16.95 20.95
CA GLU A 273 -3.16 17.18 19.72
C GLU A 273 -4.61 17.55 19.99
N ASN A 274 -5.20 16.99 21.05
CA ASN A 274 -6.59 17.29 21.38
C ASN A 274 -6.77 18.63 22.06
N GLY A 275 -5.71 19.42 22.22
CA GLY A 275 -5.79 20.73 22.80
C GLY A 275 -5.48 20.80 24.29
N GLU A 276 -5.31 19.64 24.94
CA GLU A 276 -4.97 19.64 26.35
C GLU A 276 -3.53 20.09 26.57
N THR A 277 -3.28 20.72 27.72
CA THR A 277 -1.97 21.28 28.05
CA THR A 277 -1.97 21.25 28.03
C THR A 277 -1.51 20.74 29.39
N PHE A 278 -0.19 20.53 29.50
CA PHE A 278 0.44 20.06 30.72
C PHE A 278 1.60 20.98 31.07
N LEU A 279 2.00 20.93 32.33
CA LEU A 279 3.07 21.80 32.83
C LEU A 279 3.96 21.02 33.78
N THR A 280 5.27 21.23 33.66
CA THR A 280 6.22 20.75 34.64
C THR A 280 7.42 21.70 34.65
N TYR A 281 8.04 21.83 35.81
CA TYR A 281 9.23 22.67 35.96
C TYR A 281 10.47 21.79 35.85
N ILE A 282 11.45 22.26 35.08
CA ILE A 282 12.66 21.51 34.80
C ILE A 282 13.84 22.23 35.41
N SER A 283 14.65 21.51 36.17
CA SER A 283 15.96 21.96 36.64
C SER A 283 16.95 20.87 36.32
N LEU A 284 17.88 21.14 35.39
CA LEU A 284 18.81 20.10 34.98
C LEU A 284 19.61 19.55 36.16
N LEU A 285 19.81 20.37 37.20
CA LEU A 285 20.57 19.89 38.35
C LEU A 285 19.71 19.11 39.32
N HIS A 286 18.50 19.60 39.62
CA HIS A 286 17.70 19.06 40.71
C HIS A 286 16.53 18.20 40.26
N SER A 287 16.16 18.22 38.98
CA SER A 287 15.08 17.35 38.52
C SER A 287 15.53 15.89 38.58
N PRO A 288 14.61 14.98 38.89
CA PRO A 288 14.98 13.55 38.85
C PRO A 288 15.17 13.07 37.42
N GLY A 289 15.89 11.95 37.30
CA GLY A 289 16.10 11.37 35.99
C GLY A 289 14.81 11.06 35.26
N ASN A 290 13.83 10.54 35.99
CA ASN A 290 12.50 10.23 35.46
CA ASN A 290 12.50 10.24 35.45
C ASN A 290 11.52 11.19 36.11
N ILE A 291 11.04 12.18 35.34
CA ILE A 291 10.18 13.22 35.86
C ILE A 291 8.74 12.72 35.83
N GLY A 292 8.07 12.77 36.98
CA GLY A 292 6.71 12.31 37.10
C GLY A 292 5.75 13.36 37.63
N LYS A 293 6.28 14.51 38.07
CA LYS A 293 5.44 15.58 38.60
C LYS A 293 4.88 16.43 37.45
N LEU A 294 4.12 15.77 36.59
CA LEU A 294 3.49 16.43 35.45
C LEU A 294 2.12 16.93 35.86
N LEU A 295 1.88 18.23 35.71
CA LEU A 295 0.64 18.86 36.13
C LEU A 295 -0.29 19.00 34.93
N GLY A 296 -1.53 18.52 35.10
CA GLY A 296 -2.55 18.72 34.09
C GLY A 296 -3.34 17.47 33.78
N PRO A 297 -4.20 17.53 32.75
CA PRO A 297 -4.41 18.67 31.86
C PRO A 297 -4.90 19.93 32.59
N LEU A 298 -4.29 21.07 32.28
CA LEU A 298 -4.68 22.33 32.90
C LEU A 298 -6.13 22.63 32.54
N PRO A 299 -7.02 22.84 33.52
CA PRO A 299 -8.40 23.21 33.18
C PRO A 299 -8.43 24.51 32.39
N MET A 300 -9.25 24.53 31.34
CA MET A 300 -9.36 25.68 30.44
C MET A 300 -10.67 26.41 30.75
N HIS A 301 -10.55 27.64 31.24
CA HIS A 301 -11.71 28.48 31.51
C HIS A 301 -11.75 29.66 30.54
N PRO A 302 -12.94 30.19 30.22
CA PRO A 302 -14.25 29.68 30.67
C PRO A 302 -14.74 28.52 29.83
N ALA A 303 -15.84 27.89 30.24
CA ALA A 303 -16.41 26.81 29.44
C ALA A 303 -16.82 27.33 28.08
N ALA A 304 -16.44 26.60 27.04
CA ALA A 304 -16.73 26.96 25.66
C ALA A 304 -17.70 25.96 25.04
N GLU A 305 -18.63 26.46 24.23
CA GLU A 305 -19.63 25.58 23.63
C GLU A 305 -18.97 24.48 22.81
N ASP A 306 -17.93 24.81 22.06
CA ASP A 306 -17.24 23.84 21.22
C ASP A 306 -16.12 23.11 21.94
N ASN A 307 -15.95 23.35 23.24
CA ASN A 307 -14.90 22.70 24.03
C ASN A 307 -13.52 23.01 23.46
N TYR A 308 -13.37 24.15 22.79
CA TYR A 308 -12.13 24.58 22.17
C TYR A 308 -11.63 23.57 21.12
N GLY A 309 -12.54 22.76 20.57
CA GLY A 309 -12.24 21.89 19.46
C GLY A 309 -11.13 20.88 19.72
N TYR A 310 -10.58 20.39 18.62
CA TYR A 310 -9.45 19.47 18.64
C TYR A 310 -8.40 20.02 17.69
N ASP A 311 -7.43 19.18 17.32
CA ASP A 311 -6.49 19.47 16.24
C ASP A 311 -5.58 20.65 16.57
N ALA A 312 -5.14 20.74 17.83
CA ALA A 312 -4.13 21.73 18.20
C ALA A 312 -2.78 21.31 17.62
N CYS A 313 -2.01 22.28 17.11
CA CYS A 313 -0.77 21.97 16.41
C CYS A 313 0.44 22.74 16.91
N ALA A 314 0.29 23.83 17.64
CA ALA A 314 1.45 24.61 18.06
C ALA A 314 1.15 25.34 19.36
N VAL A 315 2.21 25.55 20.14
CA VAL A 315 2.09 26.26 21.41
C VAL A 315 3.29 27.19 21.55
N LEU A 316 3.03 28.32 22.21
CA LEU A 316 4.06 29.33 22.46
C LEU A 316 3.81 29.92 23.84
N CYS A 317 4.85 29.98 24.67
CA CYS A 317 4.79 30.66 25.94
C CYS A 317 5.44 32.02 25.79
N LEU A 318 4.64 33.07 25.88
CA LEU A 318 5.18 34.42 25.81
C LEU A 318 6.01 34.70 27.07
N PRO A 319 7.13 35.41 26.95
CA PRO A 319 7.99 35.62 28.14
C PRO A 319 7.48 36.73 29.06
N CYS A 320 6.45 36.39 29.82
CA CYS A 320 5.85 37.32 30.76
CA CYS A 320 5.84 37.32 30.75
C CYS A 320 5.41 36.55 32.01
N VAL A 321 5.06 37.31 33.04
CA VAL A 321 4.57 36.76 34.30
C VAL A 321 3.31 37.51 34.66
N PRO A 322 2.15 36.84 34.84
CA PRO A 322 1.96 35.39 34.69
C PRO A 322 2.22 34.92 33.26
N ASN A 323 2.70 33.69 33.09
CA ASN A 323 2.90 33.18 31.75
C ASN A 323 1.61 33.27 30.96
N ILE A 324 1.73 33.46 29.66
CA ILE A 324 0.60 33.47 28.75
C ILE A 324 0.91 32.54 27.59
N LEU A 325 0.02 31.59 27.34
CA LEU A 325 0.19 30.60 26.30
C LEU A 325 -0.60 31.00 25.06
N VAL A 326 0.01 30.81 23.89
CA VAL A 326 -0.69 30.87 22.62
C VAL A 326 -0.84 29.44 22.13
N ILE A 327 -2.07 29.03 21.87
CA ILE A 327 -2.37 27.70 21.33
C ILE A 327 -2.98 27.88 19.95
N ALA A 328 -2.37 27.28 18.94
CA ALA A 328 -2.82 27.38 17.57
C ALA A 328 -3.39 26.03 17.11
N THR A 329 -4.41 26.09 16.26
CA THR A 329 -5.03 24.91 15.69
C THR A 329 -4.84 24.92 14.18
N GLU A 330 -4.98 23.74 13.58
CA GLU A 330 -4.85 23.63 12.12
C GLU A 330 -5.94 24.42 11.40
N SER A 331 -7.07 24.67 12.05
CA SER A 331 -8.14 25.44 11.44
C SER A 331 -7.91 26.95 11.51
N GLY A 332 -6.79 27.39 12.05
CA GLY A 332 -6.50 28.81 12.15
C GLY A 332 -6.95 29.48 13.42
N MET A 333 -7.40 28.73 14.42
CA MET A 333 -7.78 29.30 15.69
C MET A 333 -6.55 29.57 16.55
N LEU A 334 -6.49 30.75 17.15
CA LEU A 334 -5.43 31.11 18.07
C LEU A 334 -6.06 31.45 19.42
N TYR A 335 -5.66 30.74 20.47
CA TYR A 335 -6.16 30.96 21.81
C TYR A 335 -5.08 31.59 22.66
N HIS A 336 -5.41 32.70 23.33
CA HIS A 336 -4.49 33.40 24.22
C HIS A 336 -4.89 33.09 25.66
N CYS A 337 -4.05 32.32 26.35
CA CYS A 337 -4.40 31.74 27.63
C CYS A 337 -3.50 32.29 28.73
N VAL A 338 -4.11 32.84 29.77
CA VAL A 338 -3.39 33.27 30.96
C VAL A 338 -3.24 32.08 31.89
N VAL A 339 -2.01 31.81 32.31
CA VAL A 339 -1.73 30.72 33.25
C VAL A 339 -1.94 31.28 34.64
N LEU A 340 -2.96 30.80 35.33
CA LEU A 340 -3.33 31.27 36.66
C LEU A 340 -2.84 30.27 37.70
N GLU A 341 -2.14 30.77 38.71
CA GLU A 341 -1.60 29.90 39.75
C GLU A 341 -2.72 29.25 40.55
N GLY A 342 -2.53 27.98 40.89
CA GLY A 342 -3.50 27.24 41.66
C GLY A 342 -3.46 27.57 43.14
N LEU A 360 -2.47 22.21 43.54
CA LEU A 360 -1.19 22.72 43.05
C LEU A 360 -1.17 22.76 41.52
N ILE A 361 -2.31 22.47 40.90
CA ILE A 361 -2.43 22.45 39.44
C ILE A 361 -2.92 23.82 39.00
N PRO A 362 -2.18 24.53 38.15
CA PRO A 362 -2.68 25.80 37.61
C PRO A 362 -3.78 25.55 36.59
N SER A 363 -4.43 26.64 36.18
CA SER A 363 -5.46 26.59 35.16
C SER A 363 -5.18 27.65 34.10
N LEU A 364 -5.93 27.57 33.01
CA LEU A 364 -5.81 28.49 31.89
C LEU A 364 -7.09 29.31 31.81
N TYR A 365 -6.95 30.61 31.62
CA TYR A 365 -8.09 31.47 31.29
C TYR A 365 -7.89 31.95 29.86
N VAL A 366 -8.78 31.52 28.98
CA VAL A 366 -8.74 31.91 27.56
C VAL A 366 -9.23 33.34 27.49
N PHE A 367 -8.29 34.29 27.49
CA PHE A 367 -8.65 35.71 27.48
C PHE A 367 -9.36 36.08 26.18
N GLU A 368 -8.94 35.50 25.06
CA GLU A 368 -9.56 35.80 23.78
C GLU A 368 -9.13 34.75 22.78
N CYS A 369 -9.84 34.72 21.65
CA CYS A 369 -9.53 33.81 20.55
CA CYS A 369 -9.56 33.81 20.55
C CYS A 369 -9.52 34.61 19.25
N VAL A 370 -8.61 34.24 18.36
CA VAL A 370 -8.47 34.88 17.06
C VAL A 370 -8.63 33.81 15.99
N GLU A 371 -9.45 34.08 14.99
CA GLU A 371 -9.67 33.19 13.86
C GLU A 371 -8.92 33.77 12.66
N LEU A 372 -7.80 33.14 12.29
CA LEU A 372 -7.07 33.62 11.13
C LEU A 372 -7.85 33.44 9.84
N GLU A 373 -8.72 32.41 9.80
CA GLU A 373 -9.59 32.23 8.64
C GLU A 373 -10.43 33.46 8.36
N LEU A 374 -10.66 34.31 9.37
CA LEU A 374 -11.39 35.55 9.19
C LEU A 374 -10.49 36.74 8.91
N ALA A 375 -9.23 36.68 9.33
CA ALA A 375 -8.28 37.76 9.12
C ALA A 375 -7.61 37.71 7.75
N LEU A 376 -8.11 36.89 6.84
CA LEU A 376 -7.56 36.80 5.49
C LEU A 376 -8.47 37.53 4.49
N PHE A 390 -9.03 26.89 5.15
CA PHE A 390 -7.89 27.00 6.05
C PHE A 390 -7.73 25.71 6.85
N SER A 391 -6.91 24.78 6.33
CA SER A 391 -6.62 23.50 6.99
C SER A 391 -5.15 23.18 6.73
N CYS A 392 -4.27 23.86 7.43
CA CYS A 392 -2.83 23.72 7.27
C CYS A 392 -2.16 23.81 8.63
N PRO A 393 -0.93 23.33 8.75
CA PRO A 393 -0.21 23.46 10.03
C PRO A 393 0.22 24.91 10.26
N VAL A 394 0.07 25.35 11.50
CA VAL A 394 0.38 26.72 11.89
C VAL A 394 1.62 26.70 12.78
N LYS A 395 2.52 27.64 12.53
CA LYS A 395 3.78 27.77 13.26
C LYS A 395 3.84 29.12 13.94
N LEU A 396 4.26 29.13 15.20
CA LEU A 396 4.27 30.32 16.04
C LEU A 396 5.70 30.76 16.33
N HIS A 397 5.93 32.07 16.32
CA HIS A 397 7.25 32.64 16.52
C HIS A 397 7.17 33.76 17.55
N ARG A 398 8.11 33.76 18.50
CA ARG A 398 8.23 34.87 19.43
C ARG A 398 8.85 36.08 18.75
N ASP A 399 8.62 37.25 19.33
CA ASP A 399 9.24 38.48 18.86
C ASP A 399 10.38 38.85 19.80
N PRO A 400 11.59 39.11 19.30
CA PRO A 400 12.73 39.35 20.21
C PRO A 400 12.62 40.63 21.01
N LYS A 401 11.80 41.59 20.57
CA LYS A 401 11.74 42.89 21.22
C LYS A 401 10.66 42.94 22.30
N CYS A 402 9.42 42.61 21.93
CA CYS A 402 8.27 42.81 22.80
C CYS A 402 7.70 41.48 23.23
N PRO A 403 7.56 41.20 24.52
CA PRO A 403 6.87 39.96 24.94
C PRO A 403 5.41 39.93 24.54
N SER A 404 4.82 41.05 24.14
CA SER A 404 3.40 41.12 23.85
C SER A 404 3.07 40.84 22.38
N ARG A 405 4.07 40.62 21.53
CA ARG A 405 3.87 40.39 20.12
C ARG A 405 4.43 39.03 19.74
N TYR A 406 3.73 38.34 18.83
CA TYR A 406 4.22 37.11 18.24
C TYR A 406 3.77 37.07 16.79
N HIS A 407 4.28 36.10 16.04
CA HIS A 407 4.00 35.99 14.61
C HIS A 407 3.57 34.57 14.28
N CYS A 408 2.72 34.47 13.25
CA CYS A 408 2.15 33.19 12.82
CA CYS A 408 2.14 33.20 12.82
C CYS A 408 2.42 33.00 11.34
N THR A 409 3.02 31.86 11.00
CA THR A 409 3.31 31.51 9.61
C THR A 409 2.48 30.32 9.20
N HIS A 410 2.02 30.33 7.95
CA HIS A 410 1.12 29.30 7.42
C HIS A 410 1.16 29.39 5.89
N GLU A 411 0.32 28.58 5.24
CA GLU A 411 0.33 28.51 3.79
C GLU A 411 -0.13 29.80 3.14
N ALA A 412 -0.80 30.68 3.87
CA ALA A 412 -1.26 31.96 3.35
C ALA A 412 -0.30 33.10 3.64
N GLY A 413 0.78 32.86 4.38
CA GLY A 413 1.77 33.88 4.63
C GLY A 413 2.09 34.07 6.09
N VAL A 414 2.17 35.33 6.53
CA VAL A 414 2.57 35.67 7.89
C VAL A 414 1.55 36.63 8.48
N HIS A 415 1.14 36.35 9.71
CA HIS A 415 0.34 37.26 10.51
C HIS A 415 1.16 37.74 11.70
N SER A 416 1.01 39.01 12.05
CA SER A 416 1.54 39.56 13.28
C SER A 416 0.39 39.80 14.25
N VAL A 417 0.60 39.44 15.51
CA VAL A 417 -0.42 39.56 16.55
C VAL A 417 0.18 40.34 17.70
N GLY A 418 -0.48 41.44 18.07
CA GLY A 418 -0.05 42.24 19.21
C GLY A 418 -1.05 42.17 20.34
N LEU A 419 -0.62 41.65 21.50
CA LEU A 419 -1.49 41.53 22.67
C LEU A 419 -1.29 42.78 23.51
N THR A 420 -2.01 43.84 23.13
CA THR A 420 -1.86 45.14 23.80
C THR A 420 -2.28 45.11 25.26
N TRP A 421 -2.98 44.06 25.70
CA TRP A 421 -3.49 43.98 27.06
C TRP A 421 -2.55 43.26 28.01
N ILE A 422 -1.43 42.73 27.51
CA ILE A 422 -0.50 42.00 28.37
C ILE A 422 -0.05 42.85 29.55
N HIS A 423 0.26 44.12 29.29
CA HIS A 423 0.84 44.98 30.32
C HIS A 423 -0.14 45.34 31.42
N LYS A 424 -1.43 45.03 31.25
CA LYS A 424 -2.42 45.32 32.29
C LYS A 424 -2.51 44.23 33.35
N LEU A 425 -1.95 43.05 33.09
CA LEU A 425 -2.04 41.94 34.03
C LEU A 425 -0.86 42.02 35.01
N HIS A 426 -1.17 42.07 36.30
CA HIS A 426 -0.13 42.17 37.31
C HIS A 426 0.34 40.77 37.73
N LYS A 427 1.49 40.75 38.40
CA LYS A 427 2.17 39.51 38.76
C LYS A 427 1.47 38.74 39.87
N PHE A 428 0.54 39.36 40.59
CA PHE A 428 -0.14 38.74 41.71
C PHE A 428 -1.35 37.90 41.29
N LEU A 429 -1.73 37.92 40.02
CA LEU A 429 -2.99 37.31 39.61
C LEU A 429 -3.09 35.86 40.05
N GLY A 430 -4.29 35.44 40.44
CA GLY A 430 -4.54 34.09 40.89
C GLY A 430 -5.71 33.45 40.18
N SER A 431 -6.10 32.24 40.61
CA SER A 431 -7.09 31.45 39.93
C SER A 431 -8.44 31.41 40.64
N ASP A 432 -8.67 32.29 41.61
CA ASP A 432 -9.94 32.31 42.31
C ASP A 432 -11.00 32.99 41.47
N GLU A 433 -12.25 32.96 41.97
CA GLU A 433 -13.38 33.40 41.15
C GLU A 433 -13.31 34.89 40.83
N GLU A 434 -12.96 35.72 41.81
CA GLU A 434 -12.94 37.16 41.54
C GLU A 434 -11.90 37.53 40.49
N ASP A 435 -10.81 36.75 40.40
CA ASP A 435 -9.82 37.02 39.37
C ASP A 435 -10.35 36.64 37.99
N LYS A 436 -11.04 35.51 37.87
CA LYS A 436 -11.64 35.13 36.60
C LYS A 436 -12.64 36.17 36.14
N ASP A 437 -13.46 36.68 37.07
CA ASP A 437 -14.45 37.69 36.70
C ASP A 437 -13.78 38.99 36.25
N SER A 438 -12.66 39.35 36.88
CA SER A 438 -11.93 40.54 36.45
C SER A 438 -11.32 40.35 35.08
N LEU A 439 -10.70 39.18 34.84
CA LEU A 439 -10.17 38.90 33.51
C LEU A 439 -11.27 38.90 32.46
N GLN A 440 -12.43 38.34 32.79
CA GLN A 440 -13.54 38.35 31.85
C GLN A 440 -13.96 39.78 31.53
N GLU A 441 -14.18 40.59 32.57
CA GLU A 441 -14.56 41.99 32.36
C GLU A 441 -13.51 42.71 31.53
N LEU A 442 -12.22 42.46 31.80
CA LEU A 442 -11.17 43.14 31.05
C LEU A 442 -11.16 42.70 29.58
N SER A 443 -11.47 41.44 29.31
CA SER A 443 -11.45 40.95 27.94
C SER A 443 -12.56 41.57 27.10
N THR A 444 -13.60 42.11 27.73
CA THR A 444 -14.70 42.74 26.98
C THR A 444 -14.36 44.15 26.51
N GLU A 445 -13.29 44.76 27.04
CA GLU A 445 -12.89 46.10 26.65
C GLU A 445 -11.48 46.13 26.05
N GLN A 446 -10.89 44.97 25.78
CA GLN A 446 -9.54 44.87 25.23
C GLN A 446 -9.55 43.86 24.09
N LYS A 447 -8.81 44.16 23.03
CA LYS A 447 -8.71 43.30 21.87
C LYS A 447 -7.30 43.37 21.32
N CYS A 448 -6.79 42.23 20.85
CA CYS A 448 -5.46 42.22 20.27
C CYS A 448 -5.51 42.73 18.83
N PHE A 449 -4.35 43.18 18.36
CA PHE A 449 -4.20 43.71 17.01
C PHE A 449 -3.59 42.63 16.13
N VAL A 450 -4.33 42.22 15.08
CA VAL A 450 -3.91 41.18 14.16
C VAL A 450 -3.78 41.79 12.78
N GLU A 451 -2.68 41.48 12.10
CA GLU A 451 -2.45 42.03 10.77
C GLU A 451 -1.78 40.99 9.88
N HIS A 452 -2.31 40.85 8.67
CA HIS A 452 -1.73 39.97 7.65
C HIS A 452 -0.67 40.77 6.92
N ILE A 453 0.59 40.60 7.32
CA ILE A 453 1.65 41.47 6.85
C ILE A 453 2.28 40.98 5.54
N LEU A 454 2.30 39.67 5.30
CA LEU A 454 2.86 39.13 4.07
C LEU A 454 1.92 38.07 3.51
N CYS A 455 1.63 38.16 2.21
CA CYS A 455 0.75 37.24 1.53
C CYS A 455 1.56 36.41 0.54
N THR A 456 1.52 35.09 0.70
CA THR A 456 2.17 34.16 -0.21
C THR A 456 1.18 33.42 -1.08
N LYS A 457 -0.07 33.87 -1.13
CA LYS A 457 -1.11 33.12 -1.82
C LYS A 457 -0.81 33.06 -3.31
N PRO A 458 -0.89 31.89 -3.95
CA PRO A 458 -0.54 31.76 -5.36
C PRO A 458 -1.68 32.17 -6.28
N LEU A 459 -1.41 32.01 -7.58
CA LEU A 459 -2.40 32.28 -8.63
C LEU A 459 -3.24 31.03 -8.90
N ARG A 462 -0.20 27.34 -8.66
CA ARG A 462 -1.63 27.41 -8.37
C ARG A 462 -1.92 26.84 -6.97
N GLN A 463 -1.10 25.89 -6.54
CA GLN A 463 -1.30 25.28 -5.23
C GLN A 463 -0.47 26.01 -4.18
N PRO A 464 -1.06 26.43 -3.06
CA PRO A 464 -0.29 27.19 -2.06
C PRO A 464 0.83 26.35 -1.47
N ALA A 465 1.93 27.01 -1.13
CA ALA A 465 3.10 26.36 -0.59
C ALA A 465 3.54 27.06 0.69
N PRO A 466 3.96 26.31 1.70
CA PRO A 466 4.42 26.95 2.94
C PRO A 466 5.80 27.57 2.76
N ILE A 467 6.09 28.55 3.63
CA ILE A 467 7.40 29.19 3.57
C ILE A 467 8.46 28.21 4.08
N ARG A 468 9.71 28.50 3.72
CA ARG A 468 10.84 27.69 4.12
CA ARG A 468 10.84 27.69 4.12
C ARG A 468 11.71 28.31 5.20
N GLY A 469 11.55 29.61 5.46
CA GLY A 469 12.38 30.27 6.45
C GLY A 469 11.70 31.51 6.99
N PHE A 470 11.95 31.79 8.27
CA PHE A 470 11.39 32.96 8.93
C PHE A 470 12.36 33.39 10.02
N TRP A 471 12.76 34.66 9.99
CA TRP A 471 13.68 35.18 10.99
C TRP A 471 13.44 36.66 11.19
N ILE A 472 13.43 37.08 12.45
CA ILE A 472 13.33 38.49 12.81
C ILE A 472 14.72 38.96 13.22
N VAL A 473 15.31 39.84 12.39
CA VAL A 473 16.61 40.43 12.71
C VAL A 473 16.41 41.51 13.77
N PRO A 474 16.87 41.32 15.01
CA PRO A 474 16.62 42.33 16.06
C PRO A 474 17.57 43.52 15.93
N ASP A 475 17.00 44.65 15.52
CA ASP A 475 17.67 45.94 15.56
C ASP A 475 16.79 46.90 16.36
N ILE A 476 17.39 47.61 17.31
CA ILE A 476 16.61 48.49 18.17
C ILE A 476 15.92 49.59 17.38
N LEU A 477 16.47 49.96 16.22
CA LEU A 477 15.88 51.00 15.39
C LEU A 477 14.72 50.49 14.54
N GLY A 478 14.31 49.24 14.72
CA GLY A 478 13.17 48.69 14.01
C GLY A 478 13.43 47.27 13.56
N PRO A 479 12.62 46.32 14.02
CA PRO A 479 12.86 44.92 13.66
C PRO A 479 12.62 44.69 12.17
N THR A 480 13.54 43.98 11.54
CA THR A 480 13.42 43.61 10.14
C THR A 480 13.11 42.11 10.06
N MET A 481 12.10 41.76 9.28
CA MET A 481 11.64 40.38 9.15
CA MET A 481 11.64 40.38 9.15
C MET A 481 12.05 39.82 7.80
N ILE A 482 12.65 38.63 7.82
CA ILE A 482 13.05 37.92 6.61
C ILE A 482 12.16 36.69 6.49
N CYS A 483 11.53 36.54 5.33
CA CYS A 483 10.65 35.40 5.06
CA CYS A 483 10.67 35.39 5.07
C CYS A 483 11.08 34.77 3.74
N ILE A 484 11.48 33.51 3.79
CA ILE A 484 11.93 32.77 2.61
C ILE A 484 10.77 31.93 2.12
N THR A 485 10.34 32.16 0.88
CA THR A 485 9.16 31.50 0.35
C THR A 485 9.49 30.08 -0.10
N SER A 486 8.47 29.38 -0.59
CA SER A 486 8.65 28.01 -1.05
C SER A 486 9.64 27.92 -2.20
N THR A 487 9.79 29.00 -2.97
CA THR A 487 10.73 29.06 -4.07
C THR A 487 11.99 29.84 -3.72
N TYR A 488 12.25 30.03 -2.43
CA TYR A 488 13.47 30.70 -1.96
C TYR A 488 13.53 32.15 -2.43
N GLU A 489 12.38 32.79 -2.50
CA GLU A 489 12.35 34.25 -2.63
C GLU A 489 12.49 34.85 -1.24
N CYS A 490 13.31 35.90 -1.13
CA CYS A 490 13.60 36.54 0.14
C CYS A 490 12.74 37.79 0.27
N LEU A 491 11.62 37.67 0.99
CA LEU A 491 10.76 38.80 1.28
C LEU A 491 11.22 39.47 2.57
N ILE A 492 11.23 40.80 2.57
CA ILE A 492 11.69 41.59 3.72
C ILE A 492 10.60 42.57 4.08
N TRP A 493 10.31 42.69 5.37
CA TRP A 493 9.25 43.54 5.89
C TRP A 493 9.78 44.24 7.14
N PRO A 494 9.47 45.54 7.33
CA PRO A 494 8.68 46.41 6.45
C PRO A 494 9.51 46.97 5.30
N MET B 4 -11.96 -28.25 24.56
CA MET B 4 -12.31 -27.52 23.35
C MET B 4 -11.51 -28.03 22.16
N ALA B 5 -12.11 -27.95 20.97
CA ALA B 5 -11.48 -28.45 19.75
C ALA B 5 -10.73 -27.31 19.05
N GLY B 6 -9.62 -26.92 19.69
CA GLY B 6 -8.67 -26.02 19.06
C GLY B 6 -8.62 -24.61 19.60
N ILE B 7 -9.78 -24.00 19.84
CA ILE B 7 -9.84 -22.58 20.17
C ILE B 7 -9.51 -22.38 21.64
N ILE B 8 -8.71 -21.34 21.91
CA ILE B 8 -8.30 -20.99 23.26
C ILE B 8 -8.84 -19.59 23.57
N LEU B 9 -9.64 -19.47 24.61
CA LEU B 9 -10.11 -18.18 25.10
C LEU B 9 -10.41 -18.31 26.58
N THR B 10 -9.63 -17.62 27.41
CA THR B 10 -9.75 -17.72 28.86
C THR B 10 -9.73 -16.37 29.57
N LYS B 11 -9.27 -15.30 28.92
CA LYS B 11 -9.20 -14.00 29.58
C LYS B 11 -10.57 -13.59 30.09
N VAL B 12 -10.61 -13.13 31.34
CA VAL B 12 -11.88 -12.78 31.97
C VAL B 12 -12.55 -11.66 31.19
N GLY B 13 -13.89 -11.71 31.13
CA GLY B 13 -14.67 -10.72 30.42
C GLY B 13 -14.86 -10.99 28.95
N TYR B 14 -13.97 -11.78 28.34
CA TYR B 14 -14.07 -12.06 26.91
C TYR B 14 -15.15 -13.11 26.65
N TYR B 15 -15.70 -13.07 25.45
CA TYR B 15 -16.74 -14.01 25.05
C TYR B 15 -16.76 -14.08 23.53
N THR B 16 -17.53 -15.04 23.02
CA THR B 16 -17.74 -15.18 21.59
C THR B 16 -19.22 -15.39 21.32
N ILE B 17 -19.64 -15.01 20.12
CA ILE B 17 -20.98 -15.30 19.63
C ILE B 17 -20.81 -15.96 18.26
N PRO B 18 -21.07 -17.26 18.12
CA PRO B 18 -21.61 -18.18 19.15
C PRO B 18 -20.63 -18.43 20.30
N SER B 19 -21.16 -18.85 21.44
CA SER B 19 -20.34 -19.06 22.62
C SER B 19 -19.28 -20.11 22.36
N MET B 20 -18.25 -20.12 23.20
CA MET B 20 -17.18 -21.11 23.07
C MET B 20 -17.74 -22.53 23.10
N ASP B 21 -18.71 -22.78 23.99
CA ASP B 21 -19.34 -24.10 24.03
C ASP B 21 -20.01 -24.43 22.71
N ASP B 22 -20.71 -23.46 22.13
CA ASP B 22 -21.37 -23.68 20.84
C ASP B 22 -20.34 -23.92 19.74
N LEU B 23 -19.22 -23.21 19.77
CA LEU B 23 -18.18 -23.44 18.76
C LEU B 23 -17.65 -24.86 18.83
N ALA B 24 -17.54 -25.41 20.05
CA ALA B 24 -17.08 -26.78 20.20
C ALA B 24 -17.97 -27.75 19.42
N LYS B 25 -19.28 -27.64 19.62
CA LYS B 25 -20.22 -28.55 18.96
C LYS B 25 -20.24 -28.34 17.45
N ILE B 26 -19.96 -27.11 17.01
CA ILE B 26 -19.91 -26.84 15.57
C ILE B 26 -18.73 -27.53 14.90
N THR B 27 -17.68 -27.84 15.65
CA THR B 27 -16.52 -28.52 15.09
C THR B 27 -16.97 -29.82 14.43
N ASN B 28 -16.45 -30.08 13.23
CA ASN B 28 -16.95 -31.16 12.39
C ASN B 28 -16.17 -32.45 12.69
N GLU B 29 -16.36 -33.46 11.83
CA GLU B 29 -15.70 -34.74 12.03
C GLU B 29 -14.18 -34.59 11.99
N LYS B 30 -13.68 -33.80 11.05
CA LYS B 30 -12.24 -33.63 10.86
C LYS B 30 -11.66 -32.49 11.69
N GLY B 31 -12.44 -31.95 12.63
CA GLY B 31 -11.90 -31.03 13.60
C GLY B 31 -11.78 -29.58 13.15
N GLU B 32 -12.60 -29.14 12.21
CA GLU B 32 -12.52 -27.80 11.65
C GLU B 32 -13.75 -26.99 12.05
N CYS B 33 -13.50 -25.80 12.60
CA CYS B 33 -14.55 -24.93 13.11
C CYS B 33 -14.72 -23.75 12.16
N ILE B 34 -15.71 -23.83 11.28
CA ILE B 34 -16.03 -22.76 10.33
C ILE B 34 -17.38 -22.18 10.72
N VAL B 35 -17.43 -20.86 10.94
CA VAL B 35 -18.64 -20.19 11.36
CA VAL B 35 -18.64 -20.18 11.37
C VAL B 35 -18.78 -18.89 10.57
N SER B 36 -20.02 -18.49 10.33
CA SER B 36 -20.34 -17.26 9.63
C SER B 36 -20.83 -16.22 10.64
N ASP B 37 -20.42 -14.96 10.43
CA ASP B 37 -20.86 -13.85 11.26
C ASP B 37 -20.41 -14.03 12.71
N PHE B 38 -19.13 -14.36 12.87
CA PHE B 38 -18.56 -14.59 14.19
C PHE B 38 -18.23 -13.28 14.89
N THR B 39 -18.45 -13.25 16.21
CA THR B 39 -18.16 -12.08 17.02
C THR B 39 -17.32 -12.49 18.22
N ILE B 40 -16.31 -11.68 18.53
CA ILE B 40 -15.53 -11.79 19.76
C ILE B 40 -15.57 -10.44 20.47
N GLY B 41 -15.86 -10.46 21.77
CA GLY B 41 -16.02 -9.23 22.51
C GLY B 41 -15.49 -9.36 23.92
N ARG B 42 -15.40 -8.21 24.57
CA ARG B 42 -15.01 -8.11 25.98
C ARG B 42 -16.06 -7.26 26.68
N LYS B 43 -16.77 -7.86 27.63
CA LYS B 43 -17.93 -7.22 28.23
C LYS B 43 -17.58 -5.85 28.78
N GLY B 44 -18.27 -4.83 28.28
CA GLY B 44 -18.12 -3.47 28.75
C GLY B 44 -17.09 -2.65 28.00
N TYR B 45 -16.34 -3.23 27.08
CA TYR B 45 -15.28 -2.52 26.37
C TYR B 45 -15.42 -2.51 24.87
N GLY B 46 -15.99 -3.55 24.26
CA GLY B 46 -16.20 -3.54 22.83
C GLY B 46 -16.32 -4.95 22.28
N SER B 47 -16.38 -5.03 20.96
CA SER B 47 -16.49 -6.31 20.28
C SER B 47 -16.05 -6.14 18.83
N ILE B 48 -15.78 -7.27 18.18
CA ILE B 48 -15.34 -7.31 16.79
C ILE B 48 -16.23 -8.31 16.05
N TYR B 49 -16.92 -7.83 15.02
CA TYR B 49 -17.85 -8.64 14.24
C TYR B 49 -17.22 -8.96 12.90
N PHE B 50 -17.05 -10.25 12.60
CA PHE B 50 -16.46 -10.73 11.36
C PHE B 50 -17.56 -11.31 10.48
N GLU B 51 -18.03 -10.52 9.52
CA GLU B 51 -19.06 -10.98 8.61
C GLU B 51 -18.46 -12.01 7.63
N GLY B 52 -19.24 -13.05 7.35
CA GLY B 52 -18.77 -14.10 6.47
C GLY B 52 -18.12 -15.24 7.22
N ASP B 53 -17.66 -16.23 6.45
CA ASP B 53 -17.09 -17.44 7.02
C ASP B 53 -15.65 -17.20 7.46
N VAL B 54 -15.30 -17.74 8.62
CA VAL B 54 -13.95 -17.70 9.16
C VAL B 54 -13.62 -19.06 9.73
N ASN B 55 -12.34 -19.42 9.69
CA ASN B 55 -11.86 -20.71 10.17
C ASN B 55 -11.15 -20.49 11.49
N LEU B 56 -11.88 -20.72 12.59
CA LEU B 56 -11.34 -20.54 13.93
C LEU B 56 -10.52 -21.73 14.43
N THR B 57 -10.28 -22.72 13.57
CA THR B 57 -9.62 -23.94 14.01
C THR B 57 -8.23 -23.65 14.57
N ASN B 58 -8.01 -24.00 15.83
CA ASN B 58 -6.71 -23.89 16.48
C ASN B 58 -6.19 -22.46 16.50
N LEU B 59 -7.09 -21.51 16.71
CA LEU B 59 -6.74 -20.11 16.91
C LEU B 59 -6.67 -19.82 18.40
N ASN B 60 -5.58 -19.18 18.84
CA ASN B 60 -5.42 -18.78 20.23
C ASN B 60 -5.92 -17.35 20.34
N LEU B 61 -7.22 -17.20 20.59
CA LEU B 61 -7.83 -15.88 20.65
C LEU B 61 -7.30 -15.05 21.82
N ASP B 62 -6.76 -15.70 22.85
CA ASP B 62 -6.15 -14.95 23.95
C ASP B 62 -4.93 -14.17 23.48
N ASP B 63 -4.15 -14.75 22.57
CA ASP B 63 -2.94 -14.11 22.08
C ASP B 63 -3.20 -13.19 20.89
N ILE B 64 -4.31 -13.37 20.18
CA ILE B 64 -4.53 -12.63 18.95
C ILE B 64 -5.36 -11.37 19.19
N VAL B 65 -6.45 -11.48 19.95
CA VAL B 65 -7.43 -10.40 20.09
C VAL B 65 -7.23 -9.72 21.43
N HIS B 66 -7.23 -8.38 21.42
CA HIS B 66 -7.07 -7.59 22.62
C HIS B 66 -8.00 -6.38 22.53
N ILE B 67 -8.94 -6.27 23.46
CA ILE B 67 -9.94 -5.21 23.48
C ILE B 67 -9.77 -4.44 24.77
N ARG B 68 -9.52 -3.13 24.65
CA ARG B 68 -9.31 -2.24 25.79
C ARG B 68 -10.25 -1.06 25.65
N ARG B 69 -10.17 -0.14 26.63
CA ARG B 69 -10.99 1.06 26.58
C ARG B 69 -10.49 1.98 25.47
N LYS B 70 -11.37 2.27 24.52
CA LYS B 70 -11.05 3.14 23.38
C LYS B 70 -9.90 2.58 22.54
N GLU B 71 -9.73 1.26 22.53
CA GLU B 71 -8.59 0.67 21.84
C GLU B 71 -8.88 -0.80 21.58
N VAL B 72 -8.26 -1.32 20.52
CA VAL B 72 -8.39 -2.73 20.16
C VAL B 72 -7.20 -3.11 19.30
N VAL B 73 -6.69 -4.32 19.51
CA VAL B 73 -5.56 -4.86 18.75
C VAL B 73 -5.88 -6.29 18.34
N VAL B 74 -5.50 -6.64 17.12
CA VAL B 74 -5.68 -7.99 16.59
C VAL B 74 -4.35 -8.41 15.97
N TYR B 75 -3.74 -9.46 16.52
CA TYR B 75 -2.38 -9.86 16.20
C TYR B 75 -1.40 -8.82 16.73
N LEU B 76 -0.62 -9.19 17.75
CA LEU B 76 0.23 -8.21 18.43
C LEU B 76 1.38 -7.74 17.55
N ASP B 77 1.97 -8.64 16.77
CA ASP B 77 3.08 -8.30 15.89
C ASP B 77 2.77 -8.71 14.46
N ASP B 78 3.37 -8.00 13.50
CA ASP B 78 3.10 -8.25 12.10
C ASP B 78 3.66 -9.58 11.63
N ASN B 79 4.74 -10.05 12.26
CA ASN B 79 5.37 -11.29 11.81
C ASN B 79 4.44 -12.49 11.96
N GLN B 80 3.76 -12.59 13.10
CA GLN B 80 2.82 -13.68 13.34
C GLN B 80 1.44 -13.42 12.76
N LYS B 81 1.32 -12.48 11.81
CA LYS B 81 0.04 -12.13 11.22
C LYS B 81 -0.14 -12.83 9.89
N PRO B 82 -1.27 -13.50 9.64
CA PRO B 82 -1.48 -14.11 8.33
C PRO B 82 -1.75 -13.05 7.27
N PRO B 83 -1.78 -13.43 6.00
CA PRO B 83 -2.07 -12.46 4.94
C PRO B 83 -3.53 -11.98 5.02
N VAL B 84 -3.80 -10.91 4.27
CA VAL B 84 -5.13 -10.33 4.27
C VAL B 84 -6.14 -11.34 3.72
N GLY B 85 -7.26 -11.49 4.42
CA GLY B 85 -8.31 -12.40 4.02
C GLY B 85 -8.32 -13.71 4.78
N GLU B 86 -7.21 -14.06 5.44
CA GLU B 86 -7.10 -15.31 6.18
C GLU B 86 -7.03 -15.01 7.68
N GLY B 87 -7.41 -16.00 8.48
CA GLY B 87 -7.48 -15.80 9.90
C GLY B 87 -8.45 -14.68 10.25
N LEU B 88 -8.15 -13.97 11.33
CA LEU B 88 -8.92 -12.80 11.73
C LEU B 88 -8.43 -11.51 11.09
N ASN B 89 -7.39 -11.59 10.25
CA ASN B 89 -6.88 -10.41 9.53
C ASN B 89 -7.69 -10.27 8.24
N ARG B 90 -8.83 -9.61 8.37
CA ARG B 90 -9.79 -9.51 7.28
C ARG B 90 -10.80 -8.41 7.63
N LYS B 91 -11.75 -8.19 6.72
CA LYS B 91 -12.79 -7.20 6.96
C LYS B 91 -13.49 -7.49 8.28
N ALA B 92 -13.80 -6.44 9.03
CA ALA B 92 -14.44 -6.59 10.32
C ALA B 92 -15.07 -5.28 10.73
N GLU B 93 -16.06 -5.37 11.61
CA GLU B 93 -16.75 -4.22 12.17
C GLU B 93 -16.43 -4.15 13.65
N VAL B 94 -15.77 -3.08 14.07
CA VAL B 94 -15.32 -2.90 15.45
C VAL B 94 -16.29 -2.00 16.17
N THR B 95 -16.63 -2.38 17.41
CA THR B 95 -17.44 -1.55 18.30
C THR B 95 -16.64 -1.33 19.59
N LEU B 96 -16.37 -0.07 19.90
CA LEU B 96 -15.71 0.31 21.14
C LEU B 96 -16.68 1.11 21.99
N ASP B 97 -16.85 0.68 23.24
CA ASP B 97 -17.80 1.29 24.16
C ASP B 97 -17.10 2.23 25.14
N GLY B 98 -17.88 3.09 25.76
CA GLY B 98 -17.32 4.06 26.69
C GLY B 98 -16.44 5.08 26.01
N VAL B 99 -16.81 5.54 24.82
CA VAL B 99 -16.02 6.48 24.04
C VAL B 99 -16.73 7.83 24.13
N TRP B 100 -16.19 8.72 24.97
CA TRP B 100 -16.72 10.07 25.13
C TRP B 100 -15.55 11.05 25.19
N PRO B 101 -15.75 12.28 24.74
CA PRO B 101 -14.73 13.31 24.93
C PRO B 101 -14.78 13.85 26.35
N THR B 102 -13.74 14.58 26.72
CA THR B 102 -13.59 15.16 28.05
C THR B 102 -13.76 16.67 27.97
N ASP B 103 -14.56 17.22 28.88
CA ASP B 103 -14.73 18.67 28.96
C ASP B 103 -13.43 19.29 29.46
N LYS B 104 -12.85 20.19 28.66
CA LYS B 104 -11.57 20.80 29.01
C LYS B 104 -11.67 21.75 30.19
N THR B 105 -12.88 22.14 30.59
CA THR B 105 -13.06 23.05 31.73
C THR B 105 -13.29 22.26 33.03
N SER B 106 -14.28 21.39 33.04
CA SER B 106 -14.60 20.59 34.22
C SER B 106 -13.79 19.31 34.31
N ARG B 107 -13.19 18.86 33.22
CA ARG B 107 -12.46 17.60 33.14
C ARG B 107 -13.38 16.39 33.34
N CYS B 108 -14.69 16.59 33.15
CA CYS B 108 -15.65 15.49 33.19
C CYS B 108 -15.91 14.97 31.79
N LEU B 109 -16.28 13.70 31.70
CA LEU B 109 -16.66 13.11 30.42
C LEU B 109 -17.97 13.73 29.95
N ILE B 110 -18.04 13.99 28.65
CA ILE B 110 -19.24 14.56 28.03
C ILE B 110 -20.10 13.41 27.51
N LYS B 111 -21.19 13.12 28.20
CA LYS B 111 -22.09 12.04 27.83
C LYS B 111 -23.46 12.51 27.35
N SER B 112 -23.75 13.79 27.47
CA SER B 112 -25.07 14.30 27.07
C SER B 112 -25.21 14.28 25.56
N PRO B 113 -26.24 13.63 25.00
CA PRO B 113 -26.41 13.66 23.54
C PRO B 113 -26.47 15.06 22.97
N ASP B 114 -27.21 15.97 23.62
CA ASP B 114 -27.29 17.34 23.12
C ASP B 114 -25.92 18.00 23.12
N ARG B 115 -25.15 17.83 24.20
CA ARG B 115 -23.80 18.39 24.25
C ARG B 115 -22.92 17.77 23.18
N LEU B 116 -23.05 16.45 22.96
CA LEU B 116 -22.25 15.80 21.93
C LEU B 116 -22.64 16.27 20.54
N ALA B 117 -23.92 16.58 20.32
CA ALA B 117 -24.32 17.17 19.05
C ALA B 117 -23.82 18.61 18.92
N ASP B 118 -23.72 19.33 20.05
CA ASP B 118 -23.19 20.69 20.00
C ASP B 118 -21.78 20.71 19.42
N ILE B 119 -20.92 19.81 19.89
CA ILE B 119 -19.51 19.80 19.49
C ILE B 119 -19.30 18.85 18.32
N ASN B 120 -20.39 18.31 17.79
CA ASN B 120 -20.36 17.34 16.69
C ASN B 120 -19.25 16.31 16.91
N TYR B 121 -19.38 15.55 18.00
CA TYR B 121 -18.43 14.48 18.27
C TYR B 121 -18.49 13.41 17.19
N GLU B 122 -19.67 13.22 16.57
CA GLU B 122 -19.80 12.26 15.49
C GLU B 122 -18.85 12.59 14.34
N GLY B 123 -18.80 13.86 13.94
CA GLY B 123 -17.89 14.25 12.88
C GLY B 123 -16.43 14.06 13.29
N ARG B 124 -16.12 14.31 14.56
CA ARG B 124 -14.77 14.05 15.04
C ARG B 124 -14.42 12.57 14.90
N LEU B 125 -15.37 11.69 15.21
CA LEU B 125 -15.09 10.25 15.10
C LEU B 125 -14.96 9.81 13.65
N GLU B 126 -15.70 10.45 12.74
CA GLU B 126 -15.50 10.17 11.32
C GLU B 126 -14.08 10.47 10.90
N ALA B 127 -13.54 11.61 11.35
CA ALA B 127 -12.16 11.95 11.02
C ALA B 127 -11.17 10.99 11.67
N VAL B 128 -11.39 10.68 12.95
CA VAL B 128 -10.49 9.75 13.64
C VAL B 128 -10.49 8.39 12.96
N SER B 129 -11.60 8.03 12.30
CA SER B 129 -11.66 6.74 11.60
C SER B 129 -10.85 6.77 10.32
N ARG B 130 -11.10 7.78 9.47
CA ARG B 130 -10.38 7.88 8.20
C ARG B 130 -8.87 7.95 8.41
N LYS B 131 -8.43 8.74 9.41
CA LYS B 131 -7.00 8.89 9.66
C LYS B 131 -6.33 7.56 9.98
N GLN B 132 -7.08 6.56 10.40
CA GLN B 132 -6.54 5.25 10.73
C GLN B 132 -6.90 4.19 9.69
N GLY B 133 -7.44 4.59 8.54
CA GLY B 133 -7.78 3.65 7.50
C GLY B 133 -9.08 2.90 7.72
N ALA B 134 -9.97 3.43 8.55
CA ALA B 134 -11.26 2.82 8.83
C ALA B 134 -12.38 3.71 8.30
N GLN B 135 -13.58 3.14 8.23
CA GLN B 135 -14.78 3.86 7.79
C GLN B 135 -15.75 3.92 8.97
N PHE B 136 -16.00 5.15 9.45
CA PHE B 136 -16.99 5.34 10.49
C PHE B 136 -18.34 4.83 10.04
N LYS B 137 -19.08 4.22 10.97
CA LYS B 137 -20.42 3.70 10.70
C LYS B 137 -21.48 4.38 11.53
N GLU B 138 -21.31 4.49 12.84
CA GLU B 138 -22.29 5.16 13.69
C GLU B 138 -21.68 5.38 15.07
N TYR B 139 -22.34 6.23 15.86
CA TYR B 139 -21.96 6.50 17.23
C TYR B 139 -23.22 6.58 18.09
N ARG B 140 -23.21 5.92 19.23
CA ARG B 140 -24.36 5.89 20.13
C ARG B 140 -24.00 6.57 21.45
N PRO B 141 -24.52 7.77 21.72
CA PRO B 141 -24.08 8.48 22.93
C PRO B 141 -24.38 7.76 24.23
N GLU B 142 -25.58 7.18 24.38
CA GLU B 142 -25.99 6.62 25.66
C GLU B 142 -24.91 5.72 26.25
N THR B 143 -24.23 4.95 25.41
CA THR B 143 -23.16 4.06 25.84
C THR B 143 -21.80 4.46 25.29
N GLY B 144 -21.73 5.54 24.52
CA GLY B 144 -20.47 5.92 23.89
C GLY B 144 -19.92 4.85 22.98
N SER B 145 -20.77 4.23 22.18
CA SER B 145 -20.39 3.11 21.33
C SER B 145 -19.97 3.65 19.97
N TRP B 146 -18.70 3.47 19.64
CA TRP B 146 -18.13 3.91 18.37
C TRP B 146 -17.97 2.68 17.48
N VAL B 147 -18.78 2.62 16.42
CA VAL B 147 -18.76 1.50 15.47
C VAL B 147 -18.08 1.97 14.20
N PHE B 148 -17.10 1.18 13.73
CA PHE B 148 -16.38 1.49 12.50
C PHE B 148 -15.93 0.19 11.85
N LYS B 149 -15.84 0.23 10.52
CA LYS B 149 -15.39 -0.92 9.74
C LYS B 149 -13.92 -0.77 9.37
N VAL B 150 -13.22 -1.89 9.34
CA VAL B 150 -11.82 -1.94 8.95
C VAL B 150 -11.68 -2.94 7.81
N SER B 151 -10.79 -2.63 6.86
CA SER B 151 -10.57 -3.54 5.74
C SER B 151 -9.78 -4.76 6.18
N HIS B 152 -8.88 -4.60 7.13
CA HIS B 152 -8.12 -5.71 7.71
C HIS B 152 -7.40 -5.16 8.94
N PHE B 153 -6.63 -6.03 9.60
CA PHE B 153 -5.84 -5.62 10.75
C PHE B 153 -4.35 -5.71 10.43
N GLU C 13 -44.19 -21.12 -21.54
CA GLU C 13 -44.16 -22.57 -21.49
C GLU C 13 -42.74 -23.09 -21.68
N LEU C 14 -42.03 -22.56 -22.67
CA LEU C 14 -40.66 -22.95 -22.90
C LEU C 14 -39.74 -22.28 -21.89
N TRP C 15 -38.73 -23.01 -21.44
CA TRP C 15 -37.83 -22.46 -20.43
C TRP C 15 -37.06 -21.26 -20.97
N GLN C 16 -36.83 -21.20 -22.27
CA GLN C 16 -36.22 -20.01 -22.85
C GLN C 16 -37.03 -18.76 -22.54
N THR C 17 -38.32 -18.90 -22.24
CA THR C 17 -39.18 -17.76 -21.94
C THR C 17 -39.22 -17.44 -20.45
N TRP C 18 -39.42 -18.43 -19.59
CA TRP C 18 -39.67 -18.16 -18.18
C TRP C 18 -38.40 -18.21 -17.31
N LEU C 19 -37.30 -18.74 -17.81
CA LEU C 19 -36.11 -18.87 -16.97
C LEU C 19 -35.60 -17.53 -16.43
N PRO C 20 -35.58 -16.45 -17.21
CA PRO C 20 -35.11 -15.16 -16.65
C PRO C 20 -35.92 -14.68 -15.46
N ASN C 21 -37.15 -15.15 -15.29
CA ASN C 21 -37.99 -14.75 -14.17
C ASN C 21 -37.89 -15.69 -12.97
N HIS C 22 -37.06 -16.73 -13.04
CA HIS C 22 -36.97 -17.68 -11.94
C HIS C 22 -36.40 -17.01 -10.70
N VAL C 23 -36.79 -17.54 -9.54
CA VAL C 23 -36.42 -16.89 -8.28
C VAL C 23 -34.92 -16.98 -8.02
N VAL C 24 -34.24 -17.98 -8.59
CA VAL C 24 -32.82 -18.16 -8.28
C VAL C 24 -32.02 -16.92 -8.66
N PHE C 25 -32.42 -16.23 -9.73
CA PHE C 25 -31.68 -15.05 -10.15
C PHE C 25 -31.98 -13.85 -9.26
N LEU C 26 -33.22 -13.73 -8.77
CA LEU C 26 -33.50 -12.74 -7.74
C LEU C 26 -32.63 -12.98 -6.51
N ARG C 27 -32.55 -14.25 -6.07
CA ARG C 27 -31.76 -14.58 -4.89
C ARG C 27 -30.30 -14.23 -5.10
N LEU C 28 -29.72 -14.67 -6.23
CA LEU C 28 -28.32 -14.35 -6.51
C LEU C 28 -28.13 -12.84 -6.66
N ARG C 29 -29.08 -12.17 -7.29
CA ARG C 29 -28.99 -10.72 -7.47
C ARG C 29 -28.99 -10.00 -6.13
N GLU C 30 -29.88 -10.41 -5.23
CA GLU C 30 -29.90 -9.82 -3.89
C GLU C 30 -28.66 -10.20 -3.07
N GLY C 31 -27.97 -11.27 -3.45
CA GLY C 31 -26.73 -11.61 -2.79
C GLY C 31 -25.60 -10.65 -3.08
N LEU C 32 -25.66 -9.93 -4.20
CA LEU C 32 -24.62 -8.97 -4.53
C LEU C 32 -24.63 -7.80 -3.55
N LYS C 33 -25.80 -7.18 -3.35
CA LYS C 33 -25.92 -6.00 -2.50
C LYS C 33 -25.37 -6.26 -1.10
N GLN C 55 -3.75 -12.03 -11.90
CA GLN C 55 -3.91 -12.70 -10.61
C GLN C 55 -5.31 -13.26 -10.47
N LEU C 56 -6.27 -12.64 -11.15
CA LEU C 56 -7.67 -13.04 -11.07
C LEU C 56 -8.02 -14.01 -12.19
N LEU C 57 -9.00 -14.87 -11.92
CA LEU C 57 -9.55 -15.78 -12.89
C LEU C 57 -10.85 -15.21 -13.47
N THR C 58 -11.12 -15.58 -14.72
CA THR C 58 -12.42 -15.24 -15.30
C THR C 58 -13.50 -16.12 -14.68
N ARG C 59 -14.66 -15.51 -14.41
CA ARG C 59 -15.73 -16.21 -13.72
C ARG C 59 -16.60 -17.00 -14.67
N ASN C 60 -16.95 -18.22 -14.25
CA ASN C 60 -18.03 -18.97 -14.89
C ASN C 60 -18.69 -19.78 -13.78
N VAL C 61 -19.82 -19.30 -13.29
CA VAL C 61 -20.46 -19.86 -12.11
C VAL C 61 -21.63 -20.77 -12.48
N VAL C 62 -21.70 -21.22 -13.72
CA VAL C 62 -22.84 -21.99 -14.20
CA VAL C 62 -22.84 -21.98 -14.21
C VAL C 62 -22.36 -23.17 -15.04
N PHE C 63 -23.12 -24.26 -14.96
CA PHE C 63 -22.94 -25.39 -15.86
C PHE C 63 -24.30 -26.08 -15.99
N GLY C 64 -24.40 -26.94 -17.00
CA GLY C 64 -25.64 -27.64 -17.27
C GLY C 64 -25.40 -29.13 -17.37
N LEU C 65 -26.44 -29.89 -17.05
CA LEU C 65 -26.35 -31.35 -17.04
C LEU C 65 -27.75 -31.92 -17.07
N GLY C 66 -27.99 -32.84 -18.01
N GLY C 66 -28.04 -32.76 -18.07
CA GLY C 66 -29.33 -33.33 -18.21
CA GLY C 66 -29.33 -33.41 -18.17
C GLY C 66 -30.20 -32.21 -18.73
C GLY C 66 -30.55 -32.57 -17.83
N GLY C 67 -31.31 -31.97 -18.03
N GLY C 67 -30.79 -31.52 -18.61
CA GLY C 67 -32.14 -30.82 -18.32
CA GLY C 67 -32.00 -30.73 -18.46
C GLY C 67 -32.11 -29.84 -17.18
C GLY C 67 -32.08 -29.87 -17.22
N GLU C 68 -31.00 -29.77 -16.45
CA GLU C 68 -30.90 -28.93 -15.27
C GLU C 68 -29.80 -27.91 -15.45
N LEU C 69 -29.97 -26.75 -14.81
CA LEU C 69 -28.99 -25.69 -14.80
C LEU C 69 -28.48 -25.51 -13.38
N PHE C 70 -27.17 -25.51 -13.22
CA PHE C 70 -26.51 -25.39 -11.91
C PHE C 70 -25.89 -24.00 -11.79
N LEU C 71 -26.23 -23.29 -10.74
CA LEU C 71 -25.71 -21.95 -10.47
C LEU C 71 -25.03 -21.95 -9.11
N TRP C 72 -23.75 -21.58 -9.08
CA TRP C 72 -23.00 -21.50 -7.84
C TRP C 72 -23.43 -20.26 -7.07
N ASP C 73 -23.87 -20.45 -5.84
CA ASP C 73 -24.25 -19.38 -4.94
C ASP C 73 -23.06 -19.11 -4.02
N GLY C 74 -22.25 -18.11 -4.38
CA GLY C 74 -21.04 -17.85 -3.63
C GLY C 74 -21.30 -17.50 -2.18
N GLU C 75 -22.38 -16.76 -1.92
CA GLU C 75 -22.64 -16.31 -0.57
C GLU C 75 -22.99 -17.46 0.37
N ASP C 76 -23.57 -18.55 -0.16
CA ASP C 76 -23.94 -19.70 0.64
C ASP C 76 -23.05 -20.91 0.38
N SER C 77 -22.09 -20.82 -0.55
CA SER C 77 -21.21 -21.93 -0.88
C SER C 77 -22.00 -23.18 -1.21
N SER C 78 -22.92 -23.04 -2.16
CA SER C 78 -23.77 -24.16 -2.58
C SER C 78 -24.27 -23.90 -4.00
N PHE C 79 -24.82 -24.95 -4.59
CA PHE C 79 -25.38 -24.88 -5.94
C PHE C 79 -26.90 -24.74 -5.87
N LEU C 80 -27.44 -23.89 -6.73
CA LEU C 80 -28.86 -23.85 -7.02
C LEU C 80 -29.12 -24.59 -8.32
N VAL C 81 -30.07 -25.53 -8.30
CA VAL C 81 -30.35 -26.39 -9.44
C VAL C 81 -31.77 -26.12 -9.92
N VAL C 82 -31.91 -25.68 -11.16
CA VAL C 82 -33.19 -25.38 -11.78
C VAL C 82 -33.42 -26.40 -12.90
N ARG C 83 -34.60 -26.99 -12.92
CA ARG C 83 -34.96 -27.94 -13.97
C ARG C 83 -35.56 -27.18 -15.15
N LEU C 84 -34.90 -27.28 -16.31
CA LEU C 84 -35.35 -26.60 -17.51
C LEU C 84 -36.38 -27.41 -18.27
N ARG C 85 -36.23 -28.74 -18.29
CA ARG C 85 -37.13 -29.61 -19.05
C ARG C 85 -38.30 -29.99 -18.15
N GLY C 86 -39.46 -29.38 -18.40
CA GLY C 86 -40.64 -29.63 -17.61
C GLY C 86 -40.61 -28.94 -16.26
N PRO C 94 -45.64 -21.84 -15.25
CA PRO C 94 -44.56 -22.74 -14.82
C PRO C 94 -44.21 -22.57 -13.34
N ALA C 95 -43.19 -23.28 -12.88
CA ALA C 95 -42.80 -23.29 -11.47
C ALA C 95 -41.57 -22.39 -11.30
N LEU C 96 -41.81 -21.10 -11.08
CA LEU C 96 -40.74 -20.13 -10.94
C LEU C 96 -40.07 -20.17 -9.57
N SER C 97 -40.63 -20.92 -8.62
CA SER C 97 -40.11 -20.97 -7.26
C SER C 97 -39.40 -22.28 -6.92
N GLN C 98 -39.31 -23.21 -7.86
CA GLN C 98 -38.82 -24.55 -7.58
C GLN C 98 -37.34 -24.65 -7.95
N TYR C 99 -36.56 -25.20 -7.03
CA TYR C 99 -35.14 -25.42 -7.23
C TYR C 99 -34.66 -26.34 -6.13
N GLN C 100 -33.57 -27.04 -6.40
CA GLN C 100 -32.87 -27.81 -5.38
C GLN C 100 -31.59 -27.09 -5.01
N ARG C 101 -31.15 -27.28 -3.77
CA ARG C 101 -29.88 -26.74 -3.31
C ARG C 101 -28.95 -27.90 -2.99
N LEU C 102 -27.77 -27.91 -3.60
CA LEU C 102 -26.73 -28.87 -3.31
C LEU C 102 -25.70 -28.19 -2.41
N LEU C 103 -25.65 -28.63 -1.16
CA LEU C 103 -24.72 -28.06 -0.18
C LEU C 103 -23.40 -28.83 -0.20
N CYS C 104 -22.34 -28.13 0.19
CA CYS C 104 -21.03 -28.76 0.40
C CYS C 104 -20.94 -29.22 1.85
N ILE C 105 -20.74 -30.52 2.05
CA ILE C 105 -20.53 -31.03 3.40
C ILE C 105 -19.34 -30.32 4.05
N ASN C 106 -18.27 -30.14 3.29
CA ASN C 106 -17.12 -29.32 3.69
C ASN C 106 -17.00 -28.19 2.69
N PRO C 107 -17.46 -26.98 3.02
CA PRO C 107 -17.49 -25.91 2.02
C PRO C 107 -16.11 -25.36 1.76
N PRO C 108 -15.85 -24.84 0.57
CA PRO C 108 -14.56 -24.21 0.31
C PRO C 108 -14.43 -22.88 1.05
N LEU C 109 -13.27 -22.68 1.67
CA LEU C 109 -13.00 -21.43 2.36
C LEU C 109 -12.56 -20.32 1.42
N PHE C 110 -12.02 -20.68 0.26
CA PHE C 110 -11.59 -19.72 -0.75
C PHE C 110 -12.73 -19.42 -1.71
N GLU C 111 -12.65 -18.24 -2.34
CA GLU C 111 -13.68 -17.86 -3.30
C GLU C 111 -13.61 -18.75 -4.53
N ILE C 112 -14.79 -19.16 -5.01
CA ILE C 112 -14.89 -19.98 -6.21
C ILE C 112 -15.12 -19.06 -7.39
N TYR C 113 -14.27 -19.17 -8.40
CA TYR C 113 -14.39 -18.38 -9.62
C TYR C 113 -14.98 -19.16 -10.78
N GLN C 114 -14.70 -20.45 -10.88
CA GLN C 114 -15.17 -21.27 -11.99
C GLN C 114 -15.66 -22.61 -11.46
N VAL C 115 -16.72 -23.11 -12.08
CA VAL C 115 -17.20 -24.48 -11.84
C VAL C 115 -17.10 -25.23 -13.16
N LEU C 116 -16.68 -26.49 -13.07
CA LEU C 116 -16.31 -27.26 -14.27
C LEU C 116 -16.74 -28.71 -14.08
N LEU C 117 -17.75 -29.13 -14.84
CA LEU C 117 -18.23 -30.50 -14.77
C LEU C 117 -17.20 -31.46 -15.39
N SER C 118 -17.09 -32.64 -14.81
CA SER C 118 -16.12 -33.63 -15.25
C SER C 118 -16.60 -34.33 -16.53
N PRO C 119 -15.69 -34.98 -17.25
CA PRO C 119 -16.10 -35.66 -18.50
C PRO C 119 -17.15 -36.73 -18.27
N THR C 120 -17.06 -37.50 -17.18
CA THR C 120 -18.08 -38.50 -16.89
C THR C 120 -19.28 -37.91 -16.15
N GLN C 121 -19.19 -36.64 -15.74
CA GLN C 121 -20.33 -35.86 -15.26
C GLN C 121 -20.81 -36.30 -13.89
N HIS C 122 -19.94 -36.94 -13.10
CA HIS C 122 -20.26 -37.29 -11.72
C HIS C 122 -19.64 -36.34 -10.71
N HIS C 123 -18.77 -35.43 -11.15
CA HIS C 123 -18.06 -34.54 -10.25
C HIS C 123 -17.98 -33.14 -10.87
N VAL C 124 -17.83 -32.15 -10.01
CA VAL C 124 -17.68 -30.75 -10.42
C VAL C 124 -16.46 -30.19 -9.73
N ALA C 125 -15.56 -29.59 -10.51
CA ALA C 125 -14.43 -28.89 -9.94
C ALA C 125 -14.84 -27.48 -9.54
N LEU C 126 -14.58 -27.13 -8.29
CA LEU C 126 -14.79 -25.78 -7.78
C LEU C 126 -13.42 -25.09 -7.77
N ILE C 127 -13.22 -24.16 -8.70
CA ILE C 127 -11.90 -23.65 -9.03
C ILE C 127 -11.79 -22.22 -8.50
N GLY C 128 -10.77 -21.97 -7.68
CA GLY C 128 -10.47 -20.64 -7.21
C GLY C 128 -9.02 -20.28 -7.50
N ILE C 129 -8.68 -19.04 -7.12
CA ILE C 129 -7.29 -18.60 -7.22
C ILE C 129 -6.45 -19.27 -6.15
N LYS C 130 -7.04 -19.59 -5.00
CA LYS C 130 -6.31 -20.06 -3.83
C LYS C 130 -6.66 -21.50 -3.45
N GLY C 131 -7.18 -22.28 -4.40
CA GLY C 131 -7.46 -23.67 -4.11
C GLY C 131 -8.34 -24.28 -5.17
N LEU C 132 -8.52 -25.59 -5.05
CA LEU C 132 -9.40 -26.34 -5.93
C LEU C 132 -10.08 -27.42 -5.10
N MET C 133 -11.39 -27.50 -5.22
CA MET C 133 -12.21 -28.48 -4.51
C MET C 133 -13.09 -29.19 -5.51
N VAL C 134 -13.25 -30.50 -5.33
CA VAL C 134 -14.07 -31.32 -6.21
C VAL C 134 -15.30 -31.75 -5.43
N LEU C 135 -16.48 -31.47 -5.99
CA LEU C 135 -17.74 -31.86 -5.40
C LEU C 135 -18.28 -33.07 -6.13
N GLU C 136 -18.68 -34.10 -5.38
CA GLU C 136 -19.30 -35.28 -5.94
C GLU C 136 -20.81 -35.05 -6.02
N LEU C 137 -21.36 -35.16 -7.22
CA LEU C 137 -22.79 -34.96 -7.38
C LEU C 137 -23.56 -36.12 -6.76
N PRO C 138 -24.73 -35.86 -6.18
CA PRO C 138 -25.54 -36.95 -5.64
C PRO C 138 -26.18 -37.76 -6.76
N LYS C 139 -26.80 -38.86 -6.36
CA LYS C 139 -27.46 -39.74 -7.31
C LYS C 139 -28.87 -39.24 -7.61
N ARG C 140 -29.37 -39.60 -8.78
CA ARG C 140 -30.72 -39.26 -9.20
CA ARG C 140 -30.71 -39.26 -9.22
C ARG C 140 -31.62 -40.48 -9.09
N TRP C 141 -32.91 -40.23 -8.84
CA TRP C 141 -33.91 -41.28 -8.87
C TRP C 141 -35.29 -40.64 -8.84
N GLY C 142 -36.29 -41.42 -9.23
CA GLY C 142 -37.65 -40.93 -9.37
C GLY C 142 -38.03 -40.72 -10.83
N LYS C 143 -39.33 -40.53 -11.04
CA LYS C 143 -39.84 -40.33 -12.39
C LYS C 143 -39.24 -39.09 -13.05
N ASN C 144 -39.14 -38.00 -12.29
CA ASN C 144 -38.58 -36.76 -12.81
C ASN C 144 -37.05 -36.75 -12.82
N SER C 145 -36.42 -37.83 -12.37
CA SER C 145 -34.96 -37.96 -12.41
C SER C 145 -34.28 -36.85 -11.60
N GLU C 146 -34.91 -36.46 -10.49
CA GLU C 146 -34.34 -35.44 -9.63
C GLU C 146 -33.26 -36.03 -8.74
N PHE C 147 -32.40 -35.15 -8.22
CA PHE C 147 -31.37 -35.57 -7.29
C PHE C 147 -32.01 -36.06 -5.99
N GLU C 148 -31.63 -37.27 -5.57
CA GLU C 148 -32.14 -37.90 -4.37
C GLU C 148 -33.65 -37.78 -4.25
N GLY C 149 -34.34 -38.09 -5.35
CA GLY C 149 -35.79 -38.11 -5.34
C GLY C 149 -36.45 -36.76 -5.21
N GLY C 150 -35.71 -35.67 -5.38
CA GLY C 150 -36.31 -34.35 -5.35
C GLY C 150 -36.31 -33.66 -4.00
N LYS C 151 -35.44 -34.06 -3.07
CA LYS C 151 -35.32 -33.33 -1.82
C LYS C 151 -34.92 -31.89 -2.09
N SER C 152 -35.47 -30.96 -1.31
CA SER C 152 -35.17 -29.55 -1.51
C SER C 152 -33.68 -29.27 -1.32
N THR C 153 -33.02 -30.02 -0.44
CA THR C 153 -31.62 -29.79 -0.11
CA THR C 153 -31.62 -29.79 -0.14
C THR C 153 -30.90 -31.13 -0.07
N VAL C 154 -29.70 -31.18 -0.65
CA VAL C 154 -28.90 -32.39 -0.70
C VAL C 154 -27.48 -32.05 -0.28
N ASN C 155 -26.91 -32.85 0.61
CA ASN C 155 -25.52 -32.69 1.02
C ASN C 155 -24.61 -33.43 0.04
N CYS C 156 -23.53 -32.78 -0.37
CA CYS C 156 -22.59 -33.32 -1.33
C CYS C 156 -21.21 -33.43 -0.69
N SER C 157 -20.58 -34.59 -0.87
CA SER C 157 -19.21 -34.76 -0.42
C SER C 157 -18.27 -33.92 -1.28
N THR C 158 -17.27 -33.33 -0.63
CA THR C 158 -16.27 -32.52 -1.30
C THR C 158 -14.89 -32.94 -0.81
N THR C 159 -13.91 -32.83 -1.70
CA THR C 159 -12.53 -33.16 -1.38
CA THR C 159 -12.53 -33.17 -1.38
C THR C 159 -11.63 -32.03 -1.89
N PRO C 160 -10.83 -31.41 -1.04
CA PRO C 160 -9.88 -30.42 -1.55
C PRO C 160 -8.70 -31.11 -2.22
N VAL C 161 -8.15 -30.42 -3.22
CA VAL C 161 -7.07 -30.96 -4.03
C VAL C 161 -5.84 -30.10 -3.85
N ALA C 162 -4.68 -30.76 -3.73
CA ALA C 162 -3.39 -30.07 -3.65
C ALA C 162 -3.38 -29.05 -2.52
N GLU C 163 -3.92 -29.45 -1.36
CA GLU C 163 -4.00 -28.55 -0.22
C GLU C 163 -2.62 -28.07 0.20
N ARG C 164 -1.64 -28.96 0.22
CA ARG C 164 -0.30 -28.58 0.68
C ARG C 164 0.26 -27.40 -0.11
N PHE C 165 -0.11 -27.27 -1.37
CA PHE C 165 0.43 -26.22 -2.21
C PHE C 165 -0.23 -24.86 -1.99
N PHE C 166 -1.45 -24.85 -1.44
CA PHE C 166 -2.16 -23.60 -1.18
C PHE C 166 -2.11 -23.19 0.28
N THR C 167 -1.34 -23.90 1.11
CA THR C 167 -1.11 -23.51 2.49
C THR C 167 0.37 -23.18 2.72
N SER C 168 1.27 -24.11 2.42
CA SER C 168 2.68 -23.92 2.71
C SER C 168 3.24 -22.73 1.94
N SER C 169 3.01 -22.70 0.63
CA SER C 169 3.45 -21.58 -0.22
C SER C 169 2.30 -20.60 -0.31
N THR C 170 2.33 -19.57 0.54
CA THR C 170 1.20 -18.66 0.68
C THR C 170 1.01 -17.76 -0.54
N SER C 171 2.04 -17.61 -1.38
CA SER C 171 1.93 -16.83 -2.60
C SER C 171 1.63 -17.69 -3.83
N LEU C 172 1.41 -18.99 -3.64
CA LEU C 172 1.15 -19.89 -4.77
C LEU C 172 -0.32 -19.82 -5.14
N THR C 173 -0.61 -19.56 -6.41
CA THR C 173 -1.97 -19.39 -6.90
C THR C 173 -2.25 -20.37 -8.04
N LEU C 174 -3.54 -20.58 -8.30
CA LEU C 174 -4.00 -21.44 -9.38
C LEU C 174 -4.23 -20.59 -10.63
N LYS C 175 -3.52 -20.92 -11.71
CA LYS C 175 -3.63 -20.18 -12.96
C LYS C 175 -4.65 -20.79 -13.91
N HIS C 176 -4.72 -22.12 -13.97
CA HIS C 176 -5.66 -22.79 -14.86
C HIS C 176 -5.87 -24.21 -14.34
N ALA C 177 -7.08 -24.71 -14.55
CA ALA C 177 -7.41 -26.08 -14.15
C ALA C 177 -8.40 -26.66 -15.15
N ALA C 178 -8.29 -27.97 -15.34
CA ALA C 178 -9.21 -28.69 -16.22
C ALA C 178 -9.17 -30.17 -15.84
N TRP C 179 -10.08 -30.93 -16.44
CA TRP C 179 -10.12 -32.37 -16.26
C TRP C 179 -9.33 -33.07 -17.36
N TYR C 180 -8.69 -34.18 -16.99
CA TYR C 180 -8.19 -35.11 -18.00
C TYR C 180 -9.38 -35.56 -18.85
N PRO C 181 -9.28 -35.49 -20.18
CA PRO C 181 -10.51 -35.57 -21.00
C PRO C 181 -11.17 -36.94 -21.04
N SER C 182 -10.57 -37.98 -20.48
CA SER C 182 -11.11 -39.32 -20.66
C SER C 182 -12.49 -39.46 -20.04
N GLU C 183 -13.39 -40.12 -20.77
CA GLU C 183 -14.71 -40.48 -20.25
C GLU C 183 -14.76 -41.92 -19.77
N ILE C 184 -13.60 -42.58 -19.64
CA ILE C 184 -13.53 -43.97 -19.23
C ILE C 184 -12.77 -44.14 -17.92
N LEU C 185 -11.66 -43.42 -17.77
CA LEU C 185 -10.84 -43.55 -16.57
C LEU C 185 -11.47 -42.82 -15.39
N ASP C 186 -11.00 -43.14 -14.19
CA ASP C 186 -11.41 -42.41 -13.01
C ASP C 186 -11.07 -40.93 -13.18
N PRO C 187 -11.84 -40.04 -12.56
CA PRO C 187 -11.61 -38.60 -12.77
C PRO C 187 -10.23 -38.17 -12.31
N HIS C 188 -9.57 -37.34 -13.12
CA HIS C 188 -8.29 -36.75 -12.79
C HIS C 188 -8.37 -35.26 -13.12
N VAL C 189 -7.93 -34.41 -12.19
CA VAL C 189 -7.89 -32.98 -12.40
C VAL C 189 -6.46 -32.57 -12.72
N VAL C 190 -6.33 -31.54 -13.54
CA VAL C 190 -5.05 -31.02 -14.01
C VAL C 190 -4.95 -29.58 -13.56
N LEU C 191 -3.91 -29.26 -12.80
CA LEU C 191 -3.75 -27.95 -12.18
C LEU C 191 -2.47 -27.29 -12.67
N LEU C 192 -2.59 -26.05 -13.14
CA LEU C 192 -1.44 -25.20 -13.45
C LEU C 192 -1.34 -24.13 -12.38
N THR C 193 -0.25 -24.15 -11.61
CA THR C 193 -0.04 -23.22 -10.52
C THR C 193 1.02 -22.18 -10.90
N SER C 194 1.10 -21.13 -10.09
CA SER C 194 1.97 -20.00 -10.40
C SER C 194 3.45 -20.34 -10.37
N ASP C 195 3.83 -21.51 -9.85
CA ASP C 195 5.21 -21.96 -9.92
C ASP C 195 5.57 -22.50 -11.30
N ASN C 196 4.70 -22.34 -12.29
CA ASN C 196 4.95 -22.80 -13.66
C ASN C 196 5.11 -24.32 -13.69
N VAL C 197 4.24 -25.01 -12.98
CA VAL C 197 4.23 -26.47 -12.91
C VAL C 197 2.79 -26.95 -13.09
N ILE C 198 2.61 -28.00 -13.87
CA ILE C 198 1.31 -28.64 -14.05
C ILE C 198 1.34 -29.97 -13.31
N ARG C 199 0.31 -30.21 -12.49
CA ARG C 199 0.20 -31.43 -11.71
C ARG C 199 -1.15 -32.06 -11.94
N ILE C 200 -1.16 -33.38 -12.10
CA ILE C 200 -2.37 -34.16 -12.29
C ILE C 200 -2.65 -34.92 -11.00
N TYR C 201 -3.93 -34.91 -10.59
CA TYR C 201 -4.34 -35.55 -9.36
C TYR C 201 -5.51 -36.49 -9.63
N SER C 202 -5.43 -37.70 -9.08
CA SER C 202 -6.60 -38.57 -8.99
C SER C 202 -7.45 -38.16 -7.80
N LEU C 203 -8.76 -38.34 -7.92
CA LEU C 203 -9.64 -38.08 -6.79
C LEU C 203 -9.43 -39.06 -5.65
N ARG C 204 -8.82 -40.22 -5.93
CA ARG C 204 -8.52 -41.18 -4.88
C ARG C 204 -7.32 -40.78 -4.04
N GLU C 205 -6.39 -40.01 -4.62
CA GLU C 205 -5.21 -39.53 -3.92
C GLU C 205 -5.07 -38.04 -4.17
N PRO C 206 -5.94 -37.23 -3.56
CA PRO C 206 -6.03 -35.80 -3.94
C PRO C 206 -4.85 -34.94 -3.49
N GLN C 207 -3.93 -35.46 -2.69
CA GLN C 207 -2.76 -34.71 -2.27
C GLN C 207 -1.47 -35.20 -2.90
N THR C 208 -1.50 -36.31 -3.64
CA THR C 208 -0.30 -36.89 -4.23
C THR C 208 -0.43 -36.90 -5.75
N PRO C 209 0.31 -36.06 -6.48
CA PRO C 209 0.15 -36.01 -7.94
C PRO C 209 0.46 -37.36 -8.56
N THR C 210 -0.33 -37.72 -9.57
CA THR C 210 -0.01 -38.88 -10.41
C THR C 210 1.05 -38.53 -11.44
N ASN C 211 1.06 -37.28 -11.91
CA ASN C 211 2.02 -36.83 -12.91
C ASN C 211 2.34 -35.37 -12.65
N VAL C 212 3.58 -34.99 -12.95
CA VAL C 212 4.06 -33.63 -12.79
C VAL C 212 4.73 -33.19 -14.08
N ILE C 213 4.55 -31.92 -14.45
CA ILE C 213 5.13 -31.36 -15.66
C ILE C 213 5.78 -30.04 -15.25
N ILE C 214 7.11 -30.04 -15.09
CA ILE C 214 7.83 -28.83 -14.76
C ILE C 214 8.11 -28.07 -16.05
N LEU C 215 7.54 -26.87 -16.16
CA LEU C 215 7.71 -26.06 -17.36
C LEU C 215 8.95 -25.16 -17.30
N SER C 216 9.53 -24.97 -16.12
CA SER C 216 10.70 -24.13 -15.95
C SER C 216 10.34 -22.66 -16.15
N GLY C 228 8.47 -12.03 -6.74
CA GLY C 228 7.90 -10.87 -6.10
C GLY C 228 8.91 -9.77 -5.86
N ARG C 229 10.15 -10.16 -5.53
CA ARG C 229 11.18 -9.19 -5.22
C ARG C 229 11.67 -8.48 -6.47
N ALA C 230 11.67 -9.15 -7.62
CA ALA C 230 12.48 -8.74 -8.76
C ALA C 230 11.74 -7.81 -9.71
N TYR C 231 12.49 -6.87 -10.28
CA TYR C 231 12.12 -6.19 -11.50
C TYR C 231 12.70 -6.97 -12.66
N THR C 232 11.85 -7.38 -13.61
CA THR C 232 12.28 -8.27 -14.67
C THR C 232 11.73 -7.82 -16.02
N ALA C 233 12.47 -8.14 -17.07
CA ALA C 233 12.04 -7.90 -18.44
C ALA C 233 11.27 -9.09 -19.00
N SER C 234 11.67 -10.31 -18.64
CA SER C 234 10.98 -11.53 -19.07
C SER C 234 9.76 -11.78 -18.20
N LEU C 235 8.83 -10.82 -18.24
CA LEU C 235 7.64 -10.87 -17.39
C LEU C 235 6.66 -11.93 -17.84
N GLY C 236 6.81 -12.50 -19.04
CA GLY C 236 5.83 -13.42 -19.56
C GLY C 236 6.38 -14.77 -19.99
N GLU C 237 7.50 -15.18 -19.42
CA GLU C 237 8.02 -16.55 -19.61
C GLU C 237 7.41 -17.50 -18.59
N THR C 238 6.08 -17.49 -18.52
CA THR C 238 5.32 -18.19 -17.50
C THR C 238 4.01 -18.66 -18.12
N ALA C 239 3.57 -19.87 -17.75
CA ALA C 239 2.38 -20.45 -18.34
C ALA C 239 1.13 -19.81 -17.76
N VAL C 240 0.18 -19.46 -18.64
CA VAL C 240 -1.06 -18.83 -18.21
C VAL C 240 -2.27 -19.73 -18.44
N ALA C 241 -2.19 -20.72 -19.31
CA ALA C 241 -3.34 -21.57 -19.60
C ALA C 241 -2.87 -22.80 -20.37
N PHE C 242 -3.77 -23.77 -20.46
CA PHE C 242 -3.53 -24.95 -21.28
C PHE C 242 -4.87 -25.48 -21.74
N ASP C 243 -4.83 -26.41 -22.69
CA ASP C 243 -6.05 -27.06 -23.16
C ASP C 243 -5.67 -28.37 -23.83
N PHE C 244 -6.51 -29.38 -23.63
CA PHE C 244 -6.32 -30.68 -24.24
C PHE C 244 -6.95 -30.68 -25.63
N GLY C 245 -6.27 -31.34 -26.57
CA GLY C 245 -6.86 -31.60 -27.87
C GLY C 245 -7.64 -32.89 -27.83
N PRO C 246 -8.21 -33.27 -28.98
CA PRO C 246 -9.02 -34.50 -29.01
C PRO C 246 -8.15 -35.75 -28.92
N LEU C 247 -8.80 -36.83 -28.51
CA LEU C 247 -8.14 -38.12 -28.38
C LEU C 247 -7.41 -38.49 -29.67
N ALA C 248 -6.24 -39.10 -29.52
CA ALA C 248 -5.44 -39.54 -30.66
C ALA C 248 -4.76 -40.86 -30.33
N ALA C 249 -4.49 -41.64 -31.38
CA ALA C 249 -3.71 -42.86 -31.25
C ALA C 249 -2.25 -42.55 -31.53
N VAL C 250 -1.38 -42.94 -30.61
CA VAL C 250 0.04 -42.65 -30.71
C VAL C 250 0.82 -43.93 -30.48
N PRO C 251 2.03 -44.05 -31.00
CA PRO C 251 2.84 -45.24 -30.73
C PRO C 251 3.25 -45.30 -29.27
N LYS C 252 3.19 -46.50 -28.71
CA LYS C 252 3.63 -46.69 -27.33
C LYS C 252 5.07 -46.29 -27.11
N THR C 253 5.88 -46.29 -28.17
CA THR C 253 7.28 -45.88 -28.05
C THR C 253 7.42 -44.42 -27.66
N LEU C 254 6.37 -43.62 -27.88
CA LEU C 254 6.42 -42.21 -27.50
C LEU C 254 6.67 -42.03 -26.00
N PHE C 255 6.33 -43.03 -25.19
CA PHE C 255 6.42 -42.94 -23.74
C PHE C 255 7.57 -43.77 -23.17
N GLY C 256 8.40 -44.38 -24.02
CA GLY C 256 9.59 -45.09 -23.58
C GLY C 256 9.49 -46.59 -23.62
N GLN C 257 8.30 -47.16 -23.82
CA GLN C 257 8.17 -48.61 -23.86
C GLN C 257 8.66 -49.14 -25.21
N ASN C 258 8.74 -50.46 -25.30
CA ASN C 258 9.13 -51.14 -26.53
C ASN C 258 7.95 -51.92 -27.09
N GLY C 259 8.01 -52.18 -28.38
CA GLY C 259 6.92 -52.85 -29.07
C GLY C 259 6.09 -51.89 -29.88
N LYS C 260 5.49 -52.41 -30.95
CA LYS C 260 4.76 -51.58 -31.92
C LYS C 260 3.26 -51.70 -31.64
N ASP C 261 2.82 -50.97 -30.62
CA ASP C 261 1.42 -50.88 -30.24
C ASP C 261 0.97 -49.42 -30.27
N GLU C 262 -0.32 -49.20 -30.46
CA GLU C 262 -0.89 -47.86 -30.47
C GLU C 262 -1.77 -47.70 -29.24
N VAL C 263 -1.62 -46.56 -28.55
CA VAL C 263 -2.28 -46.32 -27.28
C VAL C 263 -3.00 -44.98 -27.34
N VAL C 264 -3.92 -44.81 -26.41
CA VAL C 264 -4.68 -43.56 -26.29
C VAL C 264 -3.81 -42.50 -25.64
N ALA C 265 -3.80 -41.31 -26.23
CA ALA C 265 -3.12 -40.17 -25.63
C ALA C 265 -3.86 -38.91 -26.03
N TYR C 266 -3.68 -37.86 -25.24
CA TYR C 266 -4.30 -36.58 -25.49
C TYR C 266 -3.23 -35.51 -25.62
N PRO C 267 -3.20 -34.75 -26.71
CA PRO C 267 -2.25 -33.63 -26.79
C PRO C 267 -2.62 -32.54 -25.79
N LEU C 268 -1.60 -32.04 -25.10
CA LEU C 268 -1.75 -30.99 -24.10
C LEU C 268 -1.00 -29.75 -24.60
N TYR C 269 -1.75 -28.70 -24.95
CA TYR C 269 -1.18 -27.46 -25.43
C TYR C 269 -1.09 -26.48 -24.26
N ILE C 270 0.10 -25.90 -24.08
CA ILE C 270 0.38 -25.01 -22.96
C ILE C 270 0.77 -23.65 -23.52
N LEU C 271 0.13 -22.60 -23.02
CA LEU C 271 0.32 -21.24 -23.51
C LEU C 271 1.06 -20.41 -22.46
N TYR C 272 2.10 -19.71 -22.91
CA TYR C 272 2.80 -18.74 -22.08
C TYR C 272 2.22 -17.35 -22.26
N GLU C 273 2.42 -16.50 -21.24
CA GLU C 273 1.93 -15.13 -21.31
C GLU C 273 2.50 -14.40 -22.52
N ASN C 274 3.75 -14.69 -22.89
CA ASN C 274 4.36 -14.03 -24.03
C ASN C 274 3.87 -14.56 -25.37
N GLY C 275 2.95 -15.53 -25.37
CA GLY C 275 2.38 -16.04 -26.60
C GLY C 275 3.00 -17.32 -27.12
N GLU C 276 4.03 -17.83 -26.46
CA GLU C 276 4.66 -19.08 -26.89
C GLU C 276 3.79 -20.27 -26.48
N THR C 277 3.78 -21.29 -27.34
CA THR C 277 2.99 -22.49 -27.13
CA THR C 277 2.99 -22.49 -27.12
C THR C 277 3.91 -23.71 -27.05
N PHE C 278 3.55 -24.64 -26.17
CA PHE C 278 4.26 -25.90 -26.02
C PHE C 278 3.27 -27.04 -26.18
N LEU C 279 3.80 -28.23 -26.48
CA LEU C 279 2.96 -29.40 -26.71
C LEU C 279 3.59 -30.63 -26.07
N THR C 280 2.77 -31.44 -25.42
CA THR C 280 3.16 -32.76 -24.97
C THR C 280 1.93 -33.66 -25.01
N TYR C 281 2.17 -34.95 -25.16
CA TYR C 281 1.10 -35.94 -25.19
C TYR C 281 1.04 -36.63 -23.83
N ILE C 282 -0.17 -36.73 -23.29
CA ILE C 282 -0.39 -37.30 -21.96
C ILE C 282 -1.15 -38.61 -22.11
N SER C 283 -0.65 -39.66 -21.47
CA SER C 283 -1.39 -40.90 -21.26
C SER C 283 -1.27 -41.25 -19.79
N LEU C 284 -2.41 -41.26 -19.09
CA LEU C 284 -2.37 -41.53 -17.65
C LEU C 284 -1.71 -42.86 -17.35
N LEU C 285 -1.86 -43.84 -18.23
CA LEU C 285 -1.28 -45.16 -17.96
C LEU C 285 0.20 -45.21 -18.32
N HIS C 286 0.59 -44.61 -19.46
CA HIS C 286 1.91 -44.81 -20.02
C HIS C 286 2.84 -43.62 -19.84
N SER C 287 2.33 -42.44 -19.50
CA SER C 287 3.22 -41.30 -19.30
C SER C 287 4.07 -41.52 -18.04
N PRO C 288 5.28 -40.97 -18.01
CA PRO C 288 6.09 -41.04 -16.80
C PRO C 288 5.54 -40.13 -15.71
N GLY C 289 5.90 -40.45 -14.46
CA GLY C 289 5.52 -39.59 -13.35
C GLY C 289 5.98 -38.16 -13.54
N ASN C 290 7.23 -37.99 -13.96
CA ASN C 290 7.80 -36.68 -14.26
CA ASN C 290 7.80 -36.67 -14.26
C ASN C 290 7.97 -36.58 -15.77
N ILE C 291 7.23 -35.68 -16.40
CA ILE C 291 7.18 -35.54 -17.85
C ILE C 291 8.11 -34.41 -18.26
N GLY C 292 9.06 -34.73 -19.14
CA GLY C 292 10.03 -33.75 -19.61
C GLY C 292 10.07 -33.60 -21.12
N LYS C 293 9.30 -34.42 -21.84
CA LYS C 293 9.27 -34.36 -23.30
C LYS C 293 8.28 -33.28 -23.75
N LEU C 294 8.66 -32.03 -23.46
CA LEU C 294 7.92 -30.87 -23.93
C LEU C 294 8.42 -30.46 -25.31
N LEU C 295 7.49 -30.26 -26.24
CA LEU C 295 7.83 -29.80 -27.59
C LEU C 295 7.52 -28.31 -27.69
N GLY C 296 8.52 -27.53 -28.09
CA GLY C 296 8.30 -26.12 -28.34
C GLY C 296 9.45 -25.26 -27.87
N PRO C 297 9.28 -23.93 -27.94
CA PRO C 297 8.06 -23.26 -28.43
C PRO C 297 7.78 -23.54 -29.90
N LEU C 298 6.53 -23.83 -30.22
CA LEU C 298 6.17 -24.14 -31.61
C LEU C 298 6.38 -22.90 -32.47
N PRO C 299 7.14 -23.00 -33.57
CA PRO C 299 7.25 -21.85 -34.47
C PRO C 299 5.89 -21.43 -35.01
N MET C 300 5.68 -20.12 -35.09
CA MET C 300 4.44 -19.54 -35.60
C MET C 300 4.69 -18.97 -36.98
N HIS C 301 4.07 -19.56 -38.00
CA HIS C 301 4.16 -19.07 -39.36
C HIS C 301 2.83 -18.45 -39.78
N PRO C 302 2.84 -17.47 -40.70
CA PRO C 302 4.02 -16.86 -41.32
C PRO C 302 4.61 -15.76 -40.45
N ALA C 303 5.74 -15.19 -40.88
CA ALA C 303 6.31 -14.04 -40.18
C ALA C 303 5.30 -12.90 -40.17
N ALA C 304 5.10 -12.30 -39.01
CA ALA C 304 4.19 -11.18 -38.84
C ALA C 304 4.98 -9.92 -38.50
N GLU C 305 4.56 -8.79 -39.07
CA GLU C 305 5.25 -7.54 -38.80
C GLU C 305 5.28 -7.22 -37.31
N ASP C 306 4.20 -7.54 -36.60
CA ASP C 306 4.11 -7.26 -35.17
C ASP C 306 4.50 -8.44 -34.30
N ASN C 307 4.95 -9.55 -34.90
CA ASN C 307 5.40 -10.73 -34.16
C ASN C 307 4.28 -11.31 -33.28
N TYR C 308 3.03 -11.05 -33.64
CA TYR C 308 1.87 -11.56 -32.92
C TYR C 308 1.81 -11.09 -31.47
N GLY C 309 2.32 -9.88 -31.21
CA GLY C 309 2.16 -9.27 -29.89
C GLY C 309 2.98 -9.95 -28.80
N TYR C 310 2.64 -9.59 -27.55
CA TYR C 310 3.36 -10.06 -26.38
C TYR C 310 2.49 -10.58 -25.24
N ASP C 311 1.16 -10.46 -25.31
CA ASP C 311 0.29 -10.66 -24.14
C ASP C 311 -0.84 -11.63 -24.45
N ALA C 312 -0.53 -12.93 -24.47
CA ALA C 312 -1.54 -13.96 -24.63
C ALA C 312 -2.11 -14.34 -23.26
N CYS C 313 -3.42 -14.63 -23.23
CA CYS C 313 -4.09 -14.93 -21.96
C CYS C 313 -5.00 -16.15 -22.00
N ALA C 314 -5.27 -16.74 -23.17
CA ALA C 314 -6.16 -17.90 -23.21
C ALA C 314 -5.86 -18.72 -24.46
N VAL C 315 -6.09 -20.01 -24.35
CA VAL C 315 -5.85 -20.95 -25.45
C VAL C 315 -6.99 -21.96 -25.48
N LEU C 316 -7.38 -22.34 -26.69
CA LEU C 316 -8.45 -23.33 -26.90
C LEU C 316 -8.02 -24.19 -28.07
N CYS C 317 -8.12 -25.51 -27.90
CA CYS C 317 -7.87 -26.44 -29.01
C CYS C 317 -9.22 -26.95 -29.51
N LEU C 318 -9.56 -26.59 -30.74
CA LEU C 318 -10.80 -27.06 -31.33
C LEU C 318 -10.70 -28.55 -31.64
N PRO C 319 -11.75 -29.32 -31.40
CA PRO C 319 -11.65 -30.79 -31.57
C PRO C 319 -11.78 -31.23 -33.02
N CYS C 320 -10.68 -31.05 -33.76
CA CYS C 320 -10.63 -31.45 -35.16
C CYS C 320 -9.22 -31.90 -35.50
N VAL C 321 -9.07 -32.47 -36.70
CA VAL C 321 -7.78 -32.95 -37.19
C VAL C 321 -7.57 -32.37 -38.58
N PRO C 322 -6.50 -31.58 -38.81
CA PRO C 322 -5.46 -31.23 -37.84
C PRO C 322 -6.00 -30.40 -36.68
N ASN C 323 -5.36 -30.50 -35.52
CA ASN C 323 -5.73 -29.64 -34.40
C ASN C 323 -5.62 -28.18 -34.82
N ILE C 324 -6.48 -27.35 -34.23
CA ILE C 324 -6.45 -25.93 -34.48
C ILE C 324 -6.53 -25.20 -33.15
N LEU C 325 -5.56 -24.35 -32.89
CA LEU C 325 -5.48 -23.60 -31.64
C LEU C 325 -6.06 -22.20 -31.84
N VAL C 326 -6.85 -21.77 -30.88
CA VAL C 326 -7.29 -20.38 -30.77
C VAL C 326 -6.52 -19.75 -29.63
N ILE C 327 -5.72 -18.73 -29.95
CA ILE C 327 -4.93 -17.99 -28.96
C ILE C 327 -5.54 -16.61 -28.84
N ALA C 328 -5.93 -16.24 -27.62
CA ALA C 328 -6.53 -14.95 -27.35
C ALA C 328 -5.58 -14.08 -26.54
N THR C 329 -5.64 -12.77 -26.79
CA THR C 329 -4.82 -11.80 -26.09
C THR C 329 -5.71 -10.88 -25.25
N GLU C 330 -5.08 -10.22 -24.26
CA GLU C 330 -5.81 -9.29 -23.42
C GLU C 330 -6.37 -8.12 -24.23
N SER C 331 -5.72 -7.76 -25.32
CA SER C 331 -6.15 -6.63 -26.14
C SER C 331 -7.28 -6.99 -27.10
N GLY C 332 -7.77 -8.23 -27.09
CA GLY C 332 -8.87 -8.63 -27.93
C GLY C 332 -8.47 -9.29 -29.24
N MET C 333 -7.20 -9.60 -29.43
CA MET C 333 -6.77 -10.32 -30.62
C MET C 333 -7.00 -11.82 -30.45
N LEU C 334 -7.54 -12.44 -31.51
CA LEU C 334 -7.77 -13.88 -31.56
C LEU C 334 -7.02 -14.43 -32.76
N TYR C 335 -6.13 -15.39 -32.52
CA TYR C 335 -5.34 -16.02 -33.58
C TYR C 335 -5.84 -17.45 -33.80
N HIS C 336 -6.12 -17.78 -35.05
CA HIS C 336 -6.57 -19.11 -35.45
C HIS C 336 -5.39 -19.83 -36.07
N CYS C 337 -4.87 -20.83 -35.37
CA CYS C 337 -3.62 -21.48 -35.73
C CYS C 337 -3.86 -22.94 -36.07
N VAL C 338 -3.39 -23.36 -37.24
CA VAL C 338 -3.42 -24.76 -37.63
C VAL C 338 -2.16 -25.43 -37.10
N VAL C 339 -2.33 -26.57 -36.42
CA VAL C 339 -1.20 -27.34 -35.93
C VAL C 339 -0.70 -28.21 -37.07
N LEU C 340 0.52 -27.95 -37.53
CA LEU C 340 1.11 -28.66 -38.67
C LEU C 340 2.18 -29.63 -38.17
N GLU C 341 2.15 -30.84 -38.73
CA GLU C 341 3.12 -31.86 -38.36
C GLU C 341 4.48 -31.55 -39.00
N GLY C 342 5.54 -31.68 -38.19
CA GLY C 342 6.88 -31.42 -38.67
C GLY C 342 7.42 -32.54 -39.54
N LEU C 360 10.79 -34.16 -34.83
CA LEU C 360 9.35 -34.33 -34.98
C LEU C 360 8.60 -33.26 -34.18
N ILE C 361 9.00 -32.02 -34.36
CA ILE C 361 8.41 -30.88 -33.66
C ILE C 361 7.37 -30.24 -34.56
N PRO C 362 6.13 -30.06 -34.10
CA PRO C 362 5.11 -29.40 -34.93
C PRO C 362 5.29 -27.88 -34.93
N SER C 363 4.54 -27.24 -35.81
CA SER C 363 4.54 -25.78 -35.90
C SER C 363 3.10 -25.30 -36.05
N LEU C 364 2.93 -23.98 -36.00
CA LEU C 364 1.63 -23.35 -36.12
C LEU C 364 1.60 -22.47 -37.37
N TYR C 365 0.51 -22.55 -38.12
CA TYR C 365 0.25 -21.60 -39.20
C TYR C 365 -0.97 -20.77 -38.82
N VAL C 366 -0.79 -19.46 -38.70
CA VAL C 366 -1.86 -18.55 -38.31
C VAL C 366 -2.73 -18.31 -39.55
N PHE C 367 -3.84 -19.04 -39.64
CA PHE C 367 -4.72 -18.92 -40.79
C PHE C 367 -5.32 -17.53 -40.88
N GLU C 368 -5.70 -16.94 -39.74
CA GLU C 368 -6.34 -15.63 -39.72
C GLU C 368 -6.29 -15.11 -38.30
N CYS C 369 -6.64 -13.83 -38.15
CA CYS C 369 -6.73 -13.20 -36.84
C CYS C 369 -7.99 -12.34 -36.79
N VAL C 370 -8.65 -12.34 -35.64
CA VAL C 370 -9.83 -11.53 -35.40
C VAL C 370 -9.45 -10.47 -34.37
N GLU C 371 -9.93 -9.24 -34.58
CA GLU C 371 -9.70 -8.13 -33.67
C GLU C 371 -11.04 -7.74 -33.05
N LEU C 372 -11.19 -7.99 -31.75
CA LEU C 372 -12.37 -7.59 -31.02
C LEU C 372 -12.18 -6.18 -30.45
N GLU C 373 -13.28 -5.43 -30.41
CA GLU C 373 -13.31 -4.08 -29.82
C GLU C 373 -13.77 -4.22 -28.37
N LEU C 374 -12.83 -4.12 -27.43
CA LEU C 374 -13.15 -4.30 -26.02
C LEU C 374 -13.42 -2.99 -25.28
N ALA C 375 -13.03 -1.85 -25.86
CA ALA C 375 -13.29 -0.54 -25.26
C ALA C 375 -12.70 -0.46 -23.84
N LEU C 376 -11.40 -0.73 -23.76
CA LEU C 376 -10.74 -0.78 -22.47
C LEU C 376 -10.57 0.63 -21.88
N LYS C 377 -10.18 0.67 -20.62
CA LYS C 377 -9.89 1.93 -19.94
C LYS C 377 -8.44 2.32 -20.16
N CYS C 392 -8.58 -7.52 -16.86
CA CYS C 392 -9.67 -8.45 -17.13
C CYS C 392 -9.29 -9.38 -18.29
N PRO C 393 -9.18 -10.68 -18.03
CA PRO C 393 -8.76 -11.62 -19.08
C PRO C 393 -9.89 -11.93 -20.05
N VAL C 394 -9.53 -12.64 -21.11
CA VAL C 394 -10.47 -13.17 -22.10
C VAL C 394 -10.66 -14.65 -21.82
N LYS C 395 -11.89 -15.13 -22.00
CA LYS C 395 -12.22 -16.53 -21.77
C LYS C 395 -12.76 -17.13 -23.06
N LEU C 396 -12.23 -18.29 -23.43
CA LEU C 396 -12.65 -19.01 -24.62
C LEU C 396 -13.46 -20.23 -24.23
N HIS C 397 -14.52 -20.51 -24.98
CA HIS C 397 -15.41 -21.63 -24.71
C HIS C 397 -15.61 -22.43 -26.00
N ARG C 398 -15.37 -23.74 -25.92
CA ARG C 398 -15.72 -24.61 -27.03
C ARG C 398 -17.22 -24.74 -27.14
N ASP C 399 -17.69 -25.02 -28.35
N ASP C 399 -17.70 -25.00 -28.35
CA ASP C 399 -19.11 -25.19 -28.64
CA ASP C 399 -19.06 -25.46 -28.55
C ASP C 399 -19.50 -26.67 -28.59
C ASP C 399 -19.03 -26.98 -28.58
N PRO C 400 -20.66 -27.02 -28.05
N PRO C 400 -19.34 -27.66 -27.46
CA PRO C 400 -21.00 -28.45 -27.90
CA PRO C 400 -19.19 -29.12 -27.44
C PRO C 400 -21.43 -29.12 -29.19
C PRO C 400 -19.83 -29.83 -28.60
N LYS C 401 -21.92 -28.39 -30.19
N LYS C 401 -20.92 -29.27 -29.16
CA LYS C 401 -22.45 -29.01 -31.39
CA LYS C 401 -21.65 -29.93 -30.23
C LYS C 401 -21.41 -29.11 -32.50
C LYS C 401 -21.28 -29.40 -31.61
N CYS C 402 -20.72 -28.02 -32.80
N CYS C 402 -20.36 -28.45 -31.70
CA CYS C 402 -19.83 -27.95 -33.96
CA CYS C 402 -19.89 -27.94 -32.98
C CYS C 402 -18.39 -27.72 -33.51
C CYS C 402 -18.38 -27.69 -32.91
N PRO C 403 -17.46 -28.62 -33.84
N PRO C 403 -17.56 -28.45 -33.66
CA PRO C 403 -16.05 -28.32 -33.57
CA PRO C 403 -16.10 -28.28 -33.53
C PRO C 403 -15.55 -27.04 -34.23
C PRO C 403 -15.56 -27.05 -34.22
N SER C 404 -16.27 -26.51 -35.21
CA SER C 404 -15.81 -25.35 -35.96
C SER C 404 -16.28 -24.03 -35.38
N ARG C 405 -16.89 -24.03 -34.20
CA ARG C 405 -17.36 -22.81 -33.56
C ARG C 405 -16.82 -22.74 -32.14
N TYR C 406 -16.53 -21.51 -31.71
CA TYR C 406 -16.18 -21.26 -30.32
C TYR C 406 -16.75 -19.90 -29.92
N HIS C 407 -16.72 -19.62 -28.63
CA HIS C 407 -17.29 -18.40 -28.08
C HIS C 407 -16.27 -17.73 -27.17
N CYS C 408 -16.24 -16.40 -27.22
CA CYS C 408 -15.29 -15.60 -26.45
C CYS C 408 -16.07 -14.67 -25.54
N THR C 409 -15.79 -14.72 -24.24
CA THR C 409 -16.37 -13.81 -23.27
C THR C 409 -15.28 -12.88 -22.75
N HIS C 410 -15.64 -11.61 -22.55
CA HIS C 410 -14.65 -10.59 -22.21
C HIS C 410 -15.37 -9.45 -21.51
N GLU C 411 -14.59 -8.43 -21.11
CA GLU C 411 -15.12 -7.32 -20.34
C GLU C 411 -16.24 -6.58 -21.06
N ALA C 412 -16.33 -6.72 -22.39
CA ALA C 412 -17.32 -6.00 -23.17
C ALA C 412 -18.44 -6.90 -23.68
N GLY C 413 -18.47 -8.16 -23.28
CA GLY C 413 -19.56 -9.04 -23.64
C GLY C 413 -19.16 -10.39 -24.20
N VAL C 414 -19.86 -10.84 -25.23
CA VAL C 414 -19.68 -12.19 -25.79
C VAL C 414 -19.67 -12.11 -27.30
N HIS C 415 -18.72 -12.82 -27.91
CA HIS C 415 -18.66 -13.00 -29.36
C HIS C 415 -18.67 -14.48 -29.69
N SER C 416 -19.37 -14.83 -30.76
CA SER C 416 -19.31 -16.17 -31.35
C SER C 416 -18.52 -16.11 -32.65
N VAL C 417 -17.62 -17.09 -32.82
CA VAL C 417 -16.76 -17.14 -33.99
C VAL C 417 -16.99 -18.48 -34.68
N GLY C 418 -17.26 -18.43 -35.98
CA GLY C 418 -17.46 -19.62 -36.77
C GLY C 418 -16.40 -19.81 -37.83
N LEU C 419 -15.62 -20.88 -37.71
CA LEU C 419 -14.54 -21.18 -38.64
C LEU C 419 -15.07 -22.17 -39.68
N THR C 420 -15.80 -21.64 -40.66
CA THR C 420 -16.42 -22.50 -41.66
C THR C 420 -15.38 -23.18 -42.55
N TRP C 421 -14.17 -22.63 -42.63
CA TRP C 421 -13.13 -23.21 -43.47
C TRP C 421 -12.50 -24.46 -42.87
N ILE C 422 -12.89 -24.85 -41.65
CA ILE C 422 -12.34 -26.05 -41.04
C ILE C 422 -12.63 -27.27 -41.91
N HIS C 423 -13.81 -27.32 -42.51
CA HIS C 423 -14.25 -28.47 -43.29
C HIS C 423 -13.59 -28.56 -44.65
N LYS C 424 -12.75 -27.59 -45.01
CA LYS C 424 -11.98 -27.66 -46.24
C LYS C 424 -10.60 -28.28 -46.05
N LEU C 425 -10.19 -28.52 -44.82
CA LEU C 425 -8.88 -29.11 -44.55
C LEU C 425 -8.99 -30.63 -44.51
N HIS C 426 -7.83 -31.28 -44.67
CA HIS C 426 -7.73 -32.73 -44.65
C HIS C 426 -6.60 -33.13 -43.72
N LYS C 427 -6.55 -34.43 -43.39
CA LYS C 427 -5.58 -34.94 -42.44
C LYS C 427 -4.18 -35.09 -43.02
N PHE C 428 -4.01 -34.90 -44.34
CA PHE C 428 -2.72 -35.04 -44.98
C PHE C 428 -1.93 -33.72 -45.01
N LEU C 429 -2.37 -32.71 -44.27
CA LEU C 429 -1.65 -31.44 -44.24
C LEU C 429 -0.41 -31.54 -43.36
N GLY C 430 0.62 -30.78 -43.72
CA GLY C 430 1.86 -30.75 -43.00
C GLY C 430 2.52 -29.39 -43.05
N SER C 431 3.77 -29.30 -42.61
CA SER C 431 4.49 -28.02 -42.54
C SER C 431 5.39 -27.79 -43.74
N ASP C 432 5.15 -28.49 -44.85
CA ASP C 432 5.88 -28.22 -46.08
C ASP C 432 5.46 -26.86 -46.65
N GLU C 433 6.42 -26.19 -47.29
CA GLU C 433 6.14 -24.88 -47.85
C GLU C 433 4.97 -24.90 -48.84
N GLU C 434 4.70 -26.07 -49.44
CA GLU C 434 3.54 -26.18 -50.32
C GLU C 434 2.24 -26.05 -49.55
N ASP C 435 2.15 -26.71 -48.39
CA ASP C 435 0.93 -26.65 -47.60
C ASP C 435 0.70 -25.26 -47.01
N LYS C 436 1.77 -24.60 -46.57
CA LYS C 436 1.61 -23.25 -46.02
C LYS C 436 1.14 -22.27 -47.09
N ASP C 437 1.69 -22.36 -48.30
CA ASP C 437 1.21 -21.52 -49.38
C ASP C 437 -0.25 -21.82 -49.69
N SER C 438 -0.63 -23.10 -49.65
CA SER C 438 -2.03 -23.47 -49.89
C SER C 438 -2.93 -22.86 -48.82
N LEU C 439 -2.54 -22.99 -47.55
CA LEU C 439 -3.32 -22.38 -46.47
C LEU C 439 -3.44 -20.87 -46.67
N GLN C 440 -2.33 -20.21 -47.04
CA GLN C 440 -2.38 -18.77 -47.29
C GLN C 440 -3.44 -18.43 -48.32
N GLU C 441 -3.41 -19.11 -49.48
CA GLU C 441 -4.38 -18.80 -50.53
C GLU C 441 -5.80 -19.09 -50.07
N LEU C 442 -6.01 -20.18 -49.34
CA LEU C 442 -7.35 -20.51 -48.86
C LEU C 442 -7.90 -19.39 -47.98
N SER C 443 -7.04 -18.77 -47.17
CA SER C 443 -7.51 -17.72 -46.27
C SER C 443 -7.93 -16.47 -47.02
N THR C 444 -7.45 -16.28 -48.26
CA THR C 444 -7.85 -15.11 -49.03
C THR C 444 -9.27 -15.21 -49.56
N GLU C 445 -9.80 -16.43 -49.68
CA GLU C 445 -11.17 -16.64 -50.14
C GLU C 445 -12.06 -17.20 -49.05
N GLN C 446 -11.55 -17.40 -47.84
CA GLN C 446 -12.30 -17.97 -46.73
C GLN C 446 -12.00 -17.17 -45.48
N LYS C 447 -13.02 -16.61 -44.86
CA LYS C 447 -12.90 -15.83 -43.64
C LYS C 447 -13.91 -16.34 -42.63
N CYS C 448 -13.52 -16.32 -41.36
CA CYS C 448 -14.44 -16.73 -40.31
C CYS C 448 -15.56 -15.70 -40.15
N PHE C 449 -16.65 -16.14 -39.54
CA PHE C 449 -17.77 -15.28 -39.20
C PHE C 449 -17.73 -14.94 -37.72
N VAL C 450 -17.94 -13.67 -37.41
CA VAL C 450 -17.86 -13.16 -36.05
C VAL C 450 -19.16 -12.43 -35.74
N GLU C 451 -19.87 -12.87 -34.70
CA GLU C 451 -21.11 -12.24 -34.29
C GLU C 451 -20.96 -11.70 -32.88
N HIS C 452 -21.36 -10.45 -32.68
CA HIS C 452 -21.38 -9.81 -31.37
C HIS C 452 -22.71 -10.18 -30.71
N ILE C 453 -22.68 -11.17 -29.83
CA ILE C 453 -23.91 -11.66 -29.21
C ILE C 453 -24.43 -10.66 -28.18
N LEU C 454 -23.57 -10.26 -27.23
CA LEU C 454 -23.98 -9.41 -26.12
C LEU C 454 -22.94 -8.32 -25.92
N CYS C 455 -23.42 -7.10 -25.67
CA CYS C 455 -22.58 -5.97 -25.31
C CYS C 455 -22.91 -5.56 -23.88
N THR C 456 -21.90 -5.54 -23.02
CA THR C 456 -22.05 -5.17 -21.62
C THR C 456 -21.54 -3.76 -21.32
N LYS C 457 -21.29 -2.96 -22.36
CA LYS C 457 -20.85 -1.57 -22.21
C LYS C 457 -21.74 -0.69 -23.09
N PRO C 458 -23.01 -0.50 -22.72
CA PRO C 458 -23.90 0.30 -23.56
C PRO C 458 -23.74 1.80 -23.39
N LEU C 459 -23.20 2.24 -22.26
CA LEU C 459 -23.03 3.66 -21.95
C LEU C 459 -21.57 4.07 -22.05
N PRO C 460 -21.29 5.38 -22.00
CA PRO C 460 -19.89 5.82 -22.14
C PRO C 460 -18.94 5.19 -21.13
N CYS C 461 -19.45 4.78 -19.97
CA CYS C 461 -18.60 4.14 -18.97
C CYS C 461 -17.88 2.94 -19.58
N ARG C 462 -16.55 2.94 -19.49
CA ARG C 462 -15.72 1.86 -20.01
C ARG C 462 -15.25 0.91 -18.92
N GLN C 463 -15.85 0.96 -17.73
CA GLN C 463 -15.48 0.04 -16.68
C GLN C 463 -15.80 -1.39 -17.10
N PRO C 464 -14.93 -2.36 -16.82
CA PRO C 464 -15.21 -3.74 -17.22
C PRO C 464 -16.53 -4.23 -16.64
N ALA C 465 -17.31 -4.91 -17.48
CA ALA C 465 -18.58 -5.53 -17.09
C ALA C 465 -18.58 -6.97 -17.58
N PRO C 466 -17.69 -7.81 -17.05
CA PRO C 466 -17.65 -9.21 -17.49
C PRO C 466 -18.84 -9.98 -16.96
N ILE C 467 -19.21 -11.03 -17.68
CA ILE C 467 -20.31 -11.87 -17.27
C ILE C 467 -19.87 -12.78 -16.13
N ARG C 468 -20.85 -13.37 -15.44
CA ARG C 468 -20.56 -14.31 -14.37
C ARG C 468 -20.73 -15.76 -14.78
N GLY C 469 -21.50 -16.03 -15.84
CA GLY C 469 -21.74 -17.39 -16.27
C GLY C 469 -22.07 -17.49 -17.74
N PHE C 470 -21.60 -18.58 -18.37
CA PHE C 470 -21.84 -18.83 -19.79
C PHE C 470 -22.07 -20.32 -19.97
N TRP C 471 -23.15 -20.67 -20.68
CA TRP C 471 -23.43 -22.07 -20.94
C TRP C 471 -24.31 -22.20 -22.18
N ILE C 472 -24.02 -23.19 -23.00
CA ILE C 472 -24.83 -23.54 -24.16
C ILE C 472 -25.56 -24.84 -23.86
N VAL C 473 -26.88 -24.76 -23.79
CA VAL C 473 -27.71 -25.95 -23.57
C VAL C 473 -27.89 -26.64 -24.91
N PRO C 474 -27.30 -27.82 -25.13
CA PRO C 474 -27.44 -28.46 -26.44
C PRO C 474 -28.82 -29.09 -26.60
N ASP C 475 -29.31 -29.03 -27.82
CA ASP C 475 -30.59 -29.62 -28.20
C ASP C 475 -30.60 -29.70 -29.72
N ILE C 476 -30.80 -30.90 -30.27
CA ILE C 476 -30.67 -31.06 -31.71
C ILE C 476 -31.72 -30.24 -32.45
N LEU C 477 -32.81 -29.87 -31.78
CA LEU C 477 -33.80 -28.99 -32.37
C LEU C 477 -33.44 -27.51 -32.25
N GLY C 478 -32.26 -27.20 -31.71
CA GLY C 478 -31.80 -25.84 -31.61
C GLY C 478 -31.17 -25.54 -30.27
N PRO C 479 -29.85 -25.32 -30.24
CA PRO C 479 -29.18 -25.04 -28.97
C PRO C 479 -29.52 -23.65 -28.45
N THR C 480 -29.33 -23.47 -27.15
CA THR C 480 -29.65 -22.21 -26.49
C THR C 480 -28.44 -21.75 -25.68
N MET C 481 -28.03 -20.51 -25.92
CA MET C 481 -26.95 -19.90 -25.16
C MET C 481 -27.53 -19.17 -23.96
N ILE C 482 -26.93 -19.39 -22.79
CA ILE C 482 -27.31 -18.70 -21.56
C ILE C 482 -26.12 -17.89 -21.09
N CYS C 483 -26.36 -16.60 -20.82
CA CYS C 483 -25.34 -15.71 -20.30
CA CYS C 483 -25.33 -15.72 -20.31
C CYS C 483 -25.83 -15.09 -19.00
N ILE C 484 -25.08 -15.27 -17.94
CA ILE C 484 -25.39 -14.68 -16.64
C ILE C 484 -24.49 -13.47 -16.45
N THR C 485 -25.09 -12.29 -16.38
CA THR C 485 -24.33 -11.04 -16.39
C THR C 485 -23.78 -10.75 -15.00
N SER C 486 -23.01 -9.66 -14.91
CA SER C 486 -22.40 -9.25 -13.64
C SER C 486 -23.44 -8.96 -12.57
N THR C 487 -24.69 -8.65 -12.96
CA THR C 487 -25.77 -8.43 -12.01
C THR C 487 -26.77 -9.58 -12.02
N TYR C 488 -26.35 -10.76 -12.47
CA TYR C 488 -27.20 -11.95 -12.48
C TYR C 488 -28.47 -11.75 -13.29
N GLU C 489 -28.35 -11.00 -14.39
CA GLU C 489 -29.36 -11.06 -15.43
C GLU C 489 -29.20 -12.36 -16.20
N CYS C 490 -30.31 -12.97 -16.56
CA CYS C 490 -30.29 -14.20 -17.35
C CYS C 490 -30.67 -13.86 -18.78
N LEU C 491 -29.68 -13.76 -19.65
CA LEU C 491 -29.88 -13.45 -21.06
C LEU C 491 -29.80 -14.74 -21.86
N ILE C 492 -30.73 -14.92 -22.80
CA ILE C 492 -30.91 -16.17 -23.52
C ILE C 492 -30.94 -15.87 -25.02
N TRP C 493 -30.22 -16.69 -25.80
N TRP C 493 -30.20 -16.67 -25.80
CA TRP C 493 -30.04 -16.45 -27.22
CA TRP C 493 -30.22 -16.61 -27.25
C TRP C 493 -30.07 -17.80 -27.94
C TRP C 493 -30.45 -18.00 -27.82
N PRO C 494 -30.90 -17.95 -28.99
N PRO C 494 -31.21 -18.14 -28.93
CA PRO C 494 -31.90 -17.00 -29.52
CA PRO C 494 -32.06 -17.13 -29.57
C PRO C 494 -33.04 -16.73 -28.55
C PRO C 494 -33.26 -16.74 -28.71
N MET D 4 30.30 -8.13 9.96
CA MET D 4 31.53 -7.87 9.22
C MET D 4 31.61 -6.39 8.83
N ALA D 5 32.74 -5.77 9.14
CA ALA D 5 32.89 -4.33 8.91
C ALA D 5 33.31 -4.06 7.47
N GLY D 6 33.22 -2.79 7.09
CA GLY D 6 33.58 -2.38 5.75
C GLY D 6 32.58 -2.82 4.71
N ILE D 7 32.73 -2.31 3.49
CA ILE D 7 31.81 -2.65 2.41
C ILE D 7 32.26 -3.95 1.78
N ILE D 8 31.32 -4.87 1.60
CA ILE D 8 31.60 -6.22 1.12
C ILE D 8 31.08 -6.36 -0.30
N LEU D 9 31.98 -6.67 -1.23
CA LEU D 9 31.60 -6.99 -2.60
C LEU D 9 32.70 -7.89 -3.16
N THR D 10 32.38 -9.16 -3.40
CA THR D 10 33.35 -10.12 -3.88
C THR D 10 32.88 -10.94 -5.07
N LYS D 11 31.60 -10.86 -5.45
CA LYS D 11 31.09 -11.67 -6.54
C LYS D 11 31.76 -11.28 -7.85
N VAL D 12 32.22 -12.29 -8.59
CA VAL D 12 32.95 -12.04 -9.83
C VAL D 12 32.05 -11.26 -10.79
N GLY D 13 32.65 -10.29 -11.49
CA GLY D 13 31.94 -9.47 -12.44
C GLY D 13 31.29 -8.24 -11.85
N TYR D 14 31.13 -8.18 -10.53
CA TYR D 14 30.49 -7.03 -9.91
C TYR D 14 31.50 -5.90 -9.67
N TYR D 15 31.00 -4.67 -9.77
CA TYR D 15 31.82 -3.48 -9.61
C TYR D 15 30.97 -2.36 -9.06
N THR D 16 31.63 -1.32 -8.56
CA THR D 16 30.97 -0.10 -8.13
C THR D 16 31.64 1.10 -8.78
N ILE D 17 30.89 2.19 -8.86
CA ILE D 17 31.43 3.48 -9.29
C ILE D 17 31.00 4.51 -8.24
N PRO D 18 31.92 5.08 -7.47
CA PRO D 18 33.37 4.85 -7.52
C PRO D 18 33.75 3.43 -7.11
N SER D 19 34.96 3.01 -7.46
CA SER D 19 35.40 1.65 -7.21
C SER D 19 35.51 1.38 -5.70
N MET D 20 35.54 0.10 -5.36
CA MET D 20 35.65 -0.30 -3.96
C MET D 20 36.90 0.27 -3.30
N ASP D 21 37.99 0.41 -4.06
CA ASP D 21 39.21 0.97 -3.49
C ASP D 21 39.02 2.44 -3.14
N ASP D 22 38.31 3.19 -3.99
CA ASP D 22 38.03 4.59 -3.69
C ASP D 22 37.03 4.72 -2.55
N LEU D 23 36.09 3.77 -2.44
CA LEU D 23 35.19 3.78 -1.29
C LEU D 23 35.96 3.57 0.01
N ALA D 24 36.95 2.66 -0.01
CA ALA D 24 37.77 2.44 1.17
C ALA D 24 38.54 3.70 1.54
N LYS D 25 39.13 4.37 0.54
CA LYS D 25 39.87 5.60 0.82
C LYS D 25 38.96 6.66 1.41
N ILE D 26 37.71 6.73 0.94
CA ILE D 26 36.76 7.67 1.53
C ILE D 26 36.56 7.37 3.01
N THR D 27 36.40 6.09 3.37
CA THR D 27 36.19 5.75 4.77
C THR D 27 37.42 6.09 5.60
N ASN D 28 38.61 5.92 5.03
CA ASN D 28 39.83 6.28 5.75
C ASN D 28 39.90 7.76 6.06
N GLU D 29 39.17 8.59 5.31
CA GLU D 29 39.19 10.04 5.52
C GLU D 29 38.07 10.51 6.44
N LYS D 30 36.90 9.86 6.39
CA LYS D 30 35.72 10.33 7.08
C LYS D 30 35.23 9.41 8.19
N GLY D 31 35.74 8.18 8.28
CA GLY D 31 35.16 7.23 9.21
C GLY D 31 33.80 6.71 8.82
N GLU D 32 33.35 7.04 7.60
CA GLU D 32 32.07 6.56 7.07
C GLU D 32 32.13 6.76 5.56
N CYS D 33 31.18 6.14 4.86
CA CYS D 33 31.17 6.14 3.41
C CYS D 33 29.84 6.69 2.91
N ILE D 34 29.76 8.01 2.83
CA ILE D 34 28.61 8.71 2.26
C ILE D 34 28.99 9.15 0.87
N VAL D 35 28.33 8.58 -0.14
CA VAL D 35 28.66 8.83 -1.55
C VAL D 35 27.41 9.28 -2.27
N SER D 36 27.56 10.27 -3.14
CA SER D 36 26.48 10.75 -3.98
C SER D 36 26.58 10.12 -5.36
N ASP D 37 25.42 9.84 -5.97
CA ASP D 37 25.35 9.32 -7.34
C ASP D 37 26.14 8.02 -7.47
N PHE D 38 25.85 7.09 -6.57
CA PHE D 38 26.54 5.80 -6.51
C PHE D 38 25.99 4.84 -7.55
N THR D 39 26.87 3.99 -8.09
CA THR D 39 26.50 2.98 -9.07
C THR D 39 27.08 1.64 -8.65
N ILE D 40 26.31 0.58 -8.84
CA ILE D 40 26.79 -0.79 -8.70
C ILE D 40 26.31 -1.58 -9.91
N GLY D 41 27.20 -2.37 -10.50
CA GLY D 41 26.87 -3.08 -11.71
C GLY D 41 27.53 -4.45 -11.73
N ARG D 42 27.09 -5.25 -12.71
CA ARG D 42 27.67 -6.55 -12.98
C ARG D 42 27.98 -6.60 -14.48
N LYS D 43 29.26 -6.72 -14.82
CA LYS D 43 29.69 -6.60 -16.21
C LYS D 43 28.92 -7.55 -17.11
N GLY D 44 28.30 -6.99 -18.14
CA GLY D 44 27.54 -7.76 -19.11
C GLY D 44 26.08 -7.98 -18.76
N TYR D 45 25.68 -7.72 -17.51
CA TYR D 45 24.31 -7.98 -17.05
C TYR D 45 23.52 -6.71 -16.80
N GLY D 46 24.09 -5.73 -16.10
CA GLY D 46 23.40 -4.48 -15.90
C GLY D 46 24.02 -3.69 -14.77
N SER D 47 23.30 -2.65 -14.35
CA SER D 47 23.78 -1.76 -13.30
C SER D 47 22.61 -1.02 -12.68
N ILE D 48 22.86 -0.44 -11.50
CA ILE D 48 21.87 0.34 -10.77
C ILE D 48 22.54 1.65 -10.35
N TYR D 49 21.86 2.76 -10.63
CA TYR D 49 22.37 4.09 -10.33
C TYR D 49 21.49 4.75 -9.27
N PHE D 50 22.12 5.21 -8.19
CA PHE D 50 21.40 5.81 -7.05
C PHE D 50 21.75 7.28 -6.99
N GLU D 51 20.82 8.13 -7.45
CA GLU D 51 21.04 9.57 -7.39
C GLU D 51 20.92 10.06 -5.95
N GLY D 52 21.76 11.03 -5.59
CA GLY D 52 21.75 11.55 -4.24
C GLY D 52 22.68 10.79 -3.32
N ASP D 53 22.66 11.18 -2.05
CA ASP D 53 23.56 10.60 -1.07
C ASP D 53 23.02 9.27 -0.56
N VAL D 54 23.91 8.28 -0.46
CA VAL D 54 23.61 7.00 0.17
C VAL D 54 24.75 6.69 1.14
N ASN D 55 24.41 6.11 2.28
CA ASN D 55 25.39 5.68 3.26
C ASN D 55 25.75 4.23 2.98
N LEU D 56 26.93 4.00 2.43
CA LEU D 56 27.39 2.67 2.08
C LEU D 56 28.12 1.99 3.22
N THR D 57 28.33 2.69 4.33
CA THR D 57 29.10 2.15 5.45
C THR D 57 28.61 0.76 5.81
N ASN D 58 29.55 -0.19 5.85
CA ASN D 58 29.30 -1.59 6.20
C ASN D 58 28.00 -2.11 5.58
N LEU D 59 27.80 -1.81 4.30
CA LEU D 59 26.76 -2.47 3.51
C LEU D 59 27.36 -3.72 2.88
N ASN D 60 26.64 -4.83 2.96
CA ASN D 60 27.08 -6.07 2.32
C ASN D 60 26.41 -6.13 0.95
N LEU D 61 27.07 -5.53 -0.04
CA LEU D 61 26.51 -5.50 -1.39
C LEU D 61 26.39 -6.90 -1.98
N ASP D 62 27.21 -7.85 -1.50
CA ASP D 62 27.08 -9.22 -1.97
C ASP D 62 25.71 -9.79 -1.67
N ASP D 63 25.19 -9.51 -0.46
CA ASP D 63 23.90 -10.06 -0.06
C ASP D 63 22.73 -9.23 -0.56
N ILE D 64 22.94 -7.93 -0.74
CA ILE D 64 21.83 -7.03 -1.04
C ILE D 64 21.51 -7.02 -2.53
N VAL D 65 22.52 -6.80 -3.37
CA VAL D 65 22.32 -6.52 -4.78
C VAL D 65 22.53 -7.80 -5.59
N HIS D 66 21.56 -8.12 -6.43
CA HIS D 66 21.61 -9.29 -7.31
C HIS D 66 21.17 -8.86 -8.70
N ILE D 67 22.13 -8.76 -9.60
CA ILE D 67 21.89 -8.35 -10.99
C ILE D 67 22.04 -9.61 -11.83
N ARG D 68 20.93 -10.08 -12.39
CA ARG D 68 20.89 -11.30 -13.18
C ARG D 68 20.46 -10.97 -14.60
N ARG D 69 20.40 -12.00 -15.43
CA ARG D 69 20.01 -11.83 -16.83
C ARG D 69 18.55 -11.42 -16.89
N LYS D 70 18.30 -10.20 -17.38
CA LYS D 70 16.94 -9.67 -17.53
C LYS D 70 16.21 -9.60 -16.20
N GLU D 71 16.93 -9.42 -15.09
CA GLU D 71 16.31 -9.42 -13.78
C GLU D 71 17.26 -8.79 -12.77
N VAL D 72 16.70 -8.04 -11.83
CA VAL D 72 17.46 -7.43 -10.74
CA VAL D 72 17.47 -7.43 -10.75
C VAL D 72 16.69 -7.60 -9.45
N VAL D 73 17.42 -7.88 -8.37
CA VAL D 73 16.83 -7.99 -7.04
C VAL D 73 17.72 -7.22 -6.07
N VAL D 74 17.10 -6.42 -5.21
CA VAL D 74 17.80 -5.66 -4.18
C VAL D 74 17.13 -5.98 -2.85
N TYR D 75 17.87 -6.62 -1.94
CA TYR D 75 17.34 -7.20 -0.71
C TYR D 75 16.53 -8.46 -1.02
N LEU D 76 17.06 -9.62 -0.64
CA LEU D 76 16.49 -10.89 -1.06
C LEU D 76 15.12 -11.15 -0.45
N ASP D 77 14.89 -10.71 0.79
CA ASP D 77 13.60 -10.90 1.44
C ASP D 77 13.19 -9.61 2.13
N ASP D 78 11.87 -9.40 2.23
CA ASP D 78 11.34 -8.17 2.79
C ASP D 78 11.69 -7.99 4.26
N ASN D 79 11.97 -9.07 4.98
CA ASN D 79 12.22 -8.94 6.41
C ASN D 79 13.50 -8.16 6.69
N GLN D 80 14.56 -8.44 5.94
CA GLN D 80 15.83 -7.74 6.13
C GLN D 80 15.90 -6.44 5.34
N LYS D 81 14.79 -5.99 4.77
CA LYS D 81 14.79 -4.79 3.94
C LYS D 81 14.54 -3.56 4.78
N PRO D 82 15.35 -2.51 4.65
CA PRO D 82 15.11 -1.29 5.42
C PRO D 82 13.89 -0.53 4.91
N PRO D 83 13.43 0.47 5.63
CA PRO D 83 12.30 1.27 5.13
C PRO D 83 12.70 2.08 3.91
N VAL D 84 11.68 2.47 3.13
CA VAL D 84 11.92 3.22 1.91
C VAL D 84 12.68 4.50 2.23
N GLY D 85 13.70 4.79 1.41
CA GLY D 85 14.55 5.94 1.57
C GLY D 85 15.90 5.63 2.19
N GLU D 86 16.00 4.56 2.97
CA GLU D 86 17.24 4.17 3.62
C GLU D 86 17.88 3.00 2.88
N GLY D 87 19.15 2.77 3.18
CA GLY D 87 19.88 1.72 2.49
C GLY D 87 19.84 1.91 0.99
N LEU D 88 19.73 0.80 0.27
CA LEU D 88 19.55 0.84 -1.18
C LEU D 88 18.08 0.71 -1.57
N ASN D 89 17.17 0.65 -0.60
CA ASN D 89 15.72 0.62 -0.86
C ASN D 89 15.27 2.06 -1.03
N ARG D 90 15.48 2.59 -2.24
CA ARG D 90 15.20 4.00 -2.51
CA ARG D 90 15.21 3.99 -2.51
C ARG D 90 15.14 4.20 -4.02
N LYS D 91 14.92 5.45 -4.43
CA LYS D 91 14.87 5.77 -5.84
C LYS D 91 16.15 5.35 -6.55
N ALA D 92 16.01 4.85 -7.76
CA ALA D 92 17.16 4.34 -8.49
C ALA D 92 16.84 4.28 -9.98
N GLU D 93 17.89 4.23 -10.78
CA GLU D 93 17.80 4.03 -12.22
C GLU D 93 18.45 2.70 -12.55
N VAL D 94 17.67 1.75 -13.06
CA VAL D 94 18.14 0.40 -13.36
C VAL D 94 18.44 0.30 -14.85
N THR D 95 19.51 -0.40 -15.18
CA THR D 95 19.86 -0.73 -16.56
C THR D 95 20.07 -2.23 -16.65
N LEU D 96 19.31 -2.89 -17.52
CA LEU D 96 19.46 -4.31 -17.77
C LEU D 96 19.90 -4.49 -19.22
N ASP D 97 20.98 -5.24 -19.42
CA ASP D 97 21.57 -5.44 -20.73
C ASP D 97 21.15 -6.79 -21.31
N GLY D 98 21.36 -6.94 -22.61
CA GLY D 98 21.02 -8.18 -23.29
C GLY D 98 19.55 -8.48 -23.34
N VAL D 99 18.71 -7.45 -23.43
CA VAL D 99 17.26 -7.59 -23.42
C VAL D 99 16.76 -7.40 -24.84
N TRP D 100 16.38 -8.51 -25.47
CA TRP D 100 15.82 -8.50 -26.83
C TRP D 100 14.64 -9.45 -26.87
N PRO D 101 13.65 -9.18 -27.71
CA PRO D 101 12.56 -10.14 -27.92
C PRO D 101 12.99 -11.21 -28.92
N THR D 102 12.21 -12.29 -28.95
CA THR D 102 12.48 -13.42 -29.81
C THR D 102 11.46 -13.45 -30.95
N ASP D 103 11.94 -13.69 -32.17
CA ASP D 103 11.05 -13.85 -33.31
C ASP D 103 10.31 -15.18 -33.19
N LYS D 104 8.98 -15.12 -33.18
CA LYS D 104 8.18 -16.33 -32.96
C LYS D 104 8.15 -17.26 -34.16
N THR D 105 8.68 -16.82 -35.31
CA THR D 105 8.76 -17.66 -36.51
C THR D 105 10.11 -18.36 -36.63
N SER D 106 11.20 -17.59 -36.55
CA SER D 106 12.54 -18.16 -36.65
C SER D 106 13.10 -18.61 -35.30
N ARG D 107 12.51 -18.15 -34.19
CA ARG D 107 13.00 -18.43 -32.84
C ARG D 107 14.35 -17.79 -32.59
N CYS D 108 14.72 -16.77 -33.35
CA CYS D 108 15.97 -16.04 -33.16
C CYS D 108 15.70 -14.72 -32.45
N LEU D 109 16.71 -14.26 -31.72
CA LEU D 109 16.62 -12.96 -31.07
C LEU D 109 16.51 -11.86 -32.12
N ILE D 110 15.77 -10.80 -31.78
CA ILE D 110 15.56 -9.67 -32.67
C ILE D 110 16.42 -8.52 -32.15
N LYS D 111 17.49 -8.19 -32.89
CA LYS D 111 18.41 -7.13 -32.50
C LYS D 111 18.46 -5.97 -33.48
N SER D 112 17.77 -6.05 -34.61
CA SER D 112 17.84 -4.98 -35.60
C SER D 112 17.04 -3.78 -35.12
N PRO D 113 17.62 -2.57 -35.13
CA PRO D 113 16.84 -1.39 -34.72
C PRO D 113 15.57 -1.18 -35.53
N ASP D 114 15.64 -1.37 -36.85
CA ASP D 114 14.45 -1.18 -37.68
C ASP D 114 13.38 -2.22 -37.34
N ARG D 115 13.77 -3.49 -37.27
CA ARG D 115 12.81 -4.53 -36.88
C ARG D 115 12.22 -4.24 -35.51
N LEU D 116 13.05 -3.77 -34.58
CA LEU D 116 12.54 -3.47 -33.24
C LEU D 116 11.54 -2.32 -33.27
N ALA D 117 11.70 -1.40 -34.22
CA ALA D 117 10.71 -0.32 -34.37
C ALA D 117 9.44 -0.83 -35.03
N ASP D 118 9.54 -1.83 -35.92
CA ASP D 118 8.35 -2.40 -36.52
C ASP D 118 7.42 -3.00 -35.46
N ILE D 119 8.00 -3.77 -34.53
CA ILE D 119 7.22 -4.38 -33.46
C ILE D 119 7.03 -3.45 -32.28
N ASN D 120 7.56 -2.24 -32.33
CA ASN D 120 7.45 -1.26 -31.25
C ASN D 120 7.85 -1.88 -29.91
N TYR D 121 9.07 -2.42 -29.88
CA TYR D 121 9.57 -3.02 -28.65
C TYR D 121 9.78 -1.97 -27.58
N GLU D 122 10.10 -0.74 -27.96
CA GLU D 122 10.22 0.34 -26.99
C GLU D 122 8.90 0.55 -26.26
N GLY D 123 7.79 0.51 -26.98
CA GLY D 123 6.49 0.62 -26.35
C GLY D 123 6.17 -0.55 -25.44
N ARG D 124 6.62 -1.74 -25.82
CA ARG D 124 6.44 -2.90 -24.95
C ARG D 124 7.16 -2.71 -23.62
N LEU D 125 8.43 -2.34 -23.67
CA LEU D 125 9.18 -2.14 -22.44
C LEU D 125 8.57 -1.04 -21.59
N GLU D 126 7.93 -0.05 -22.22
CA GLU D 126 7.25 1.00 -21.45
C GLU D 126 6.07 0.42 -20.68
N ALA D 127 5.36 -0.53 -21.28
CA ALA D 127 4.25 -1.19 -20.57
C ALA D 127 4.78 -2.14 -19.51
N VAL D 128 5.88 -2.85 -19.80
CA VAL D 128 6.47 -3.74 -18.82
C VAL D 128 6.94 -2.96 -17.60
N SER D 129 7.51 -1.78 -17.82
CA SER D 129 7.92 -0.93 -16.70
C SER D 129 6.71 -0.48 -15.90
N ARG D 130 5.64 -0.07 -16.58
CA ARG D 130 4.46 0.44 -15.89
C ARG D 130 3.81 -0.63 -15.02
N LYS D 131 3.77 -1.87 -15.52
CA LYS D 131 3.11 -2.95 -14.78
C LYS D 131 3.84 -3.31 -13.49
N GLN D 132 5.10 -2.91 -13.36
CA GLN D 132 5.90 -3.20 -12.17
C GLN D 132 6.12 -1.96 -11.30
N GLY D 133 5.41 -0.88 -11.56
CA GLY D 133 5.56 0.33 -10.79
C GLY D 133 6.74 1.19 -11.15
N ALA D 134 7.41 0.90 -12.27
CA ALA D 134 8.57 1.66 -12.71
C ALA D 134 8.21 2.58 -13.86
N GLN D 135 9.16 3.43 -14.23
CA GLN D 135 9.00 4.40 -15.31
C GLN D 135 10.07 4.13 -16.37
N PHE D 136 9.63 3.97 -17.61
CA PHE D 136 10.57 3.71 -18.70
C PHE D 136 11.35 4.97 -19.03
N LYS D 137 12.65 4.79 -19.31
CA LYS D 137 13.52 5.89 -19.69
C LYS D 137 14.00 5.77 -21.13
N GLU D 138 14.63 4.66 -21.49
CA GLU D 138 15.12 4.48 -22.85
C GLU D 138 15.47 3.02 -23.07
N TYR D 139 15.70 2.68 -24.34
CA TYR D 139 16.14 1.35 -24.75
C TYR D 139 17.18 1.50 -25.84
N ARG D 140 18.29 0.77 -25.71
CA ARG D 140 19.39 0.84 -26.67
C ARG D 140 19.53 -0.49 -27.39
N PRO D 141 19.11 -0.59 -28.66
CA PRO D 141 19.16 -1.91 -29.33
C PRO D 141 20.54 -2.53 -29.41
N GLU D 142 21.58 -1.73 -29.62
CA GLU D 142 22.92 -2.30 -29.86
C GLU D 142 23.31 -3.27 -28.76
N THR D 143 23.04 -2.91 -27.50
CA THR D 143 23.36 -3.75 -26.35
C THR D 143 22.13 -4.34 -25.69
N GLY D 144 20.94 -4.10 -26.24
CA GLY D 144 19.73 -4.54 -25.57
C GLY D 144 19.59 -3.97 -24.18
N SER D 145 19.96 -2.72 -23.99
CA SER D 145 20.00 -2.09 -22.68
C SER D 145 18.65 -1.45 -22.39
N TRP D 146 17.94 -1.98 -21.40
CA TRP D 146 16.66 -1.45 -20.96
C TRP D 146 16.89 -0.62 -19.70
N VAL D 147 16.51 0.66 -19.75
CA VAL D 147 16.73 1.59 -18.66
C VAL D 147 15.37 2.05 -18.13
N PHE D 148 15.18 1.96 -16.82
CA PHE D 148 13.93 2.36 -16.19
C PHE D 148 14.21 2.85 -14.77
N LYS D 149 13.32 3.70 -14.28
CA LYS D 149 13.44 4.29 -12.95
C LYS D 149 12.46 3.61 -11.99
N VAL D 150 12.95 3.34 -10.78
CA VAL D 150 12.12 2.75 -9.73
C VAL D 150 12.13 3.71 -8.54
N SER D 151 11.01 3.74 -7.82
CA SER D 151 10.93 4.54 -6.60
C SER D 151 11.50 3.82 -5.40
N HIS D 152 11.57 2.49 -5.44
CA HIS D 152 12.14 1.69 -4.36
C HIS D 152 12.17 0.24 -4.83
N PHE D 153 12.81 -0.60 -4.03
CA PHE D 153 12.88 -2.03 -4.33
C PHE D 153 12.08 -2.81 -3.29
#